data_2BF7
#
_entry.id   2BF7
#
_cell.length_a   95.269
_cell.length_b   104.554
_cell.length_c   138.069
_cell.angle_alpha   90.00
_cell.angle_beta   90.00
_cell.angle_gamma   90.00
#
_symmetry.space_group_name_H-M   'P 21 21 21'
#
loop_
_entity.id
_entity.type
_entity.pdbx_description
1 polymer 'PTERIDINE REDUCTASE 1'
2 non-polymer 'NADP NICOTINAMIDE-ADENINE-DINUCLEOTIDE PHOSPHATE'
3 non-polymer 7,8-DIHYDROBIOPTERIN
4 non-polymer 1,2-ETHANEDIOL
5 water water
#
_entity_poly.entity_id   1
_entity_poly.type   'polypeptide(L)'
_entity_poly.pdbx_seq_one_letter_code
;MTAPTVPVALVTGAAKRLGRSIAEGLHAEGYAVCLHYHRSAAEANALSATLNARRPNSAITVQADLSNVATAPVSGADGS
APVTLFTRCAELVAACYTHWGRCDVLVNNASSFYPTPLLRNDEDGHEPCVGDREAMETATADLFGSNAIAPYFLIKAFAH
RVAGTPAKHRGTNYSIINMVDAMTNQPLLGYTIYTMAKGALEGLTRSAALELAPLQIRVNGVGPGLSVLVDDMPPAVWEG
HRSKVPLYQRDSSAAEVSDVVIFLCSSKAKYITGTCVKVDGGYSLTRA
;
_entity_poly.pdbx_strand_id   A,B,C,D
#
loop_
_chem_comp.id
_chem_comp.type
_chem_comp.name
_chem_comp.formula
EDO non-polymer 1,2-ETHANEDIOL 'C2 H6 O2'
HBI non-polymer 7,8-DIHYDROBIOPTERIN 'C9 H13 N5 O3'
NAP non-polymer 'NADP NICOTINAMIDE-ADENINE-DINUCLEOTIDE PHOSPHATE' 'C21 H28 N7 O17 P3'
#
# COMPACT_ATOMS: atom_id res chain seq x y z
N VAL A 6 22.31 -30.40 -9.88
CA VAL A 6 21.74 -30.27 -8.49
C VAL A 6 21.96 -28.87 -7.88
N PRO A 7 20.91 -28.06 -7.88
CA PRO A 7 20.96 -26.69 -7.33
C PRO A 7 21.04 -26.64 -5.80
N VAL A 8 21.51 -25.51 -5.27
CA VAL A 8 21.72 -25.33 -3.84
C VAL A 8 20.88 -24.20 -3.21
N ALA A 9 20.31 -24.49 -2.04
CA ALA A 9 19.54 -23.49 -1.30
C ALA A 9 20.13 -23.25 0.09
N LEU A 10 20.22 -21.99 0.48
CA LEU A 10 20.64 -21.63 1.83
C LEU A 10 19.40 -21.13 2.56
N VAL A 11 19.03 -21.78 3.66
CA VAL A 11 17.87 -21.38 4.46
C VAL A 11 18.31 -20.99 5.88
N THR A 12 18.06 -19.76 6.29
CA THR A 12 18.44 -19.35 7.64
C THR A 12 17.35 -19.75 8.63
N GLY A 13 17.73 -20.02 9.88
CA GLY A 13 16.77 -20.48 10.89
C GLY A 13 15.99 -21.69 10.38
N ALA A 14 16.72 -22.65 9.81
CA ALA A 14 16.13 -23.83 9.18
C ALA A 14 15.79 -25.01 10.11
N ALA A 15 16.16 -24.92 11.40
CA ALA A 15 15.99 -26.03 12.34
C ALA A 15 14.56 -26.50 12.63
N LYS A 16 13.63 -25.56 12.79
CA LYS A 16 12.25 -25.91 13.08
C LYS A 16 11.19 -25.04 12.40
N ARG A 17 9.93 -25.37 12.67
CA ARG A 17 8.77 -24.62 12.23
C ARG A 17 8.76 -24.28 10.72
N LEU A 18 8.56 -23.01 10.36
CA LEU A 18 8.51 -22.62 8.93
C LEU A 18 9.83 -22.87 8.18
N GLY A 19 10.95 -22.54 8.80
CA GLY A 19 12.28 -22.75 8.23
C GLY A 19 12.53 -24.18 7.86
N ARG A 20 12.17 -25.10 8.76
CA ARG A 20 12.34 -26.53 8.54
C ARG A 20 11.52 -26.99 7.34
N SER A 21 10.27 -26.53 7.28
CA SER A 21 9.34 -26.85 6.21
C SER A 21 9.80 -26.31 4.85
N ILE A 22 10.44 -25.15 4.86
CA ILE A 22 10.98 -24.57 3.63
C ILE A 22 12.15 -25.44 3.16
N ALA A 23 13.01 -25.81 4.09
CA ALA A 23 14.15 -26.67 3.79
C ALA A 23 13.70 -28.03 3.25
N GLU A 24 12.66 -28.61 3.86
CA GLU A 24 12.09 -29.88 3.43
C GLU A 24 11.49 -29.76 2.03
N GLY A 25 10.70 -28.69 1.82
CA GLY A 25 10.06 -28.45 0.54
C GLY A 25 11.04 -28.28 -0.62
N LEU A 26 12.13 -27.56 -0.37
CA LEU A 26 13.16 -27.34 -1.38
C LEU A 26 13.90 -28.65 -1.65
N HIS A 27 14.19 -29.38 -0.58
CA HIS A 27 14.87 -30.67 -0.69
C HIS A 27 14.04 -31.63 -1.53
N ALA A 28 12.72 -31.63 -1.32
CA ALA A 28 11.81 -32.50 -2.08
C ALA A 28 11.76 -32.14 -3.57
N GLU A 29 12.17 -30.91 -3.91
CA GLU A 29 12.19 -30.49 -5.31
C GLU A 29 13.55 -30.84 -5.96
N GLY A 30 14.48 -31.37 -5.18
CA GLY A 30 15.78 -31.76 -5.67
C GLY A 30 16.96 -30.92 -5.20
N TYR A 31 16.69 -29.87 -4.44
CA TYR A 31 17.74 -28.97 -3.95
C TYR A 31 18.62 -29.60 -2.87
N ALA A 32 19.90 -29.22 -2.89
CA ALA A 32 20.82 -29.55 -1.81
C ALA A 32 20.60 -28.37 -0.86
N VAL A 33 20.54 -28.63 0.44
CA VAL A 33 20.22 -27.54 1.37
C VAL A 33 21.21 -27.27 2.49
N CYS A 34 21.62 -26.02 2.62
CA CYS A 34 22.49 -25.60 3.72
C CYS A 34 21.54 -25.08 4.80
N LEU A 35 21.52 -25.79 5.92
CA LEU A 35 20.63 -25.48 7.03
C LEU A 35 21.34 -24.64 8.09
N HIS A 36 21.02 -23.35 8.15
CA HIS A 36 21.64 -22.50 9.17
C HIS A 36 20.85 -22.59 10.47
N TYR A 37 21.55 -22.39 11.57
CA TYR A 37 20.92 -22.38 12.88
C TYR A 37 21.73 -21.50 13.83
N HIS A 38 21.10 -21.09 14.91
CA HIS A 38 21.79 -20.30 15.91
C HIS A 38 21.93 -21.15 17.18
N ARG A 39 20.79 -21.42 17.85
CA ARG A 39 20.80 -22.18 19.10
C ARG A 39 20.21 -23.60 19.00
N SER A 40 19.55 -23.92 17.89
CA SER A 40 18.93 -25.23 17.74
C SER A 40 19.82 -26.27 17.05
N ALA A 41 20.99 -26.51 17.62
CA ALA A 41 21.95 -27.46 17.09
C ALA A 41 21.38 -28.87 16.91
N ALA A 42 20.78 -29.40 17.98
CA ALA A 42 20.24 -30.75 17.95
C ALA A 42 19.18 -30.94 16.86
N GLU A 43 18.26 -29.99 16.76
CA GLU A 43 17.19 -30.05 15.76
C GLU A 43 17.73 -29.97 14.34
N ALA A 44 18.66 -29.04 14.12
CA ALA A 44 19.29 -28.86 12.80
C ALA A 44 20.03 -30.11 12.34
N ASN A 45 20.82 -30.71 13.24
CA ASN A 45 21.57 -31.93 12.92
C ASN A 45 20.66 -33.15 12.68
N ALA A 46 19.55 -33.23 13.41
CA ALA A 46 18.59 -34.31 13.18
C ALA A 46 17.93 -34.14 11.81
N LEU A 47 17.63 -32.90 11.43
CA LEU A 47 17.06 -32.63 10.12
C LEU A 47 18.06 -32.94 9.00
N SER A 48 19.31 -32.53 9.15
CA SER A 48 20.35 -32.82 8.18
C SER A 48 20.52 -34.33 7.97
N ALA A 49 20.50 -35.09 9.07
CA ALA A 49 20.63 -36.55 9.04
C ALA A 49 19.50 -37.18 8.24
N THR A 50 18.27 -36.68 8.44
CA THR A 50 17.10 -37.17 7.71
C THR A 50 17.22 -36.93 6.21
N LEU A 51 17.59 -35.72 5.83
CA LEU A 51 17.76 -35.35 4.42
C LEU A 51 18.93 -36.09 3.75
N ASN A 52 20.02 -36.25 4.50
CA ASN A 52 21.19 -36.96 3.98
C ASN A 52 20.95 -38.46 3.81
N ALA A 53 20.07 -39.02 4.65
CA ALA A 53 19.71 -40.44 4.53
C ALA A 53 18.86 -40.69 3.28
N ARG A 54 17.94 -39.77 2.99
CA ARG A 54 17.09 -39.85 1.80
C ARG A 54 17.90 -39.69 0.51
N ARG A 55 18.90 -38.80 0.57
CA ARG A 55 19.75 -38.48 -0.58
C ARG A 55 21.11 -38.04 -0.02
N PRO A 56 22.16 -38.86 -0.24
CA PRO A 56 23.49 -38.56 0.29
C PRO A 56 24.07 -37.23 -0.16
N ASN A 57 24.75 -36.55 0.76
CA ASN A 57 25.39 -35.26 0.52
C ASN A 57 24.42 -34.21 -0.02
N SER A 58 23.21 -34.18 0.54
CA SER A 58 22.19 -33.23 0.14
C SER A 58 21.86 -32.21 1.22
N ALA A 59 22.59 -32.25 2.34
CA ALA A 59 22.38 -31.31 3.45
C ALA A 59 23.63 -31.11 4.30
N ILE A 60 23.81 -29.87 4.76
CA ILE A 60 24.89 -29.50 5.68
C ILE A 60 24.32 -28.51 6.71
N THR A 61 25.07 -28.25 7.77
CA THR A 61 24.64 -27.32 8.80
C THR A 61 25.77 -26.35 9.10
N VAL A 62 25.41 -25.08 9.32
CA VAL A 62 26.33 -24.00 9.65
C VAL A 62 25.68 -23.14 10.72
N GLN A 63 26.47 -22.79 11.74
CA GLN A 63 25.99 -22.01 12.89
C GLN A 63 26.39 -20.56 12.79
N ALA A 64 25.47 -19.67 13.16
CA ALA A 64 25.75 -18.24 13.19
C ALA A 64 24.73 -17.42 13.96
N ASP A 65 25.24 -16.48 14.75
CA ASP A 65 24.41 -15.52 15.44
C ASP A 65 24.25 -14.42 14.38
N LEU A 66 23.01 -14.14 14.01
CA LEU A 66 22.74 -13.14 12.98
C LEU A 66 22.39 -11.78 13.57
N SER A 67 22.59 -11.63 14.87
CA SER A 67 22.37 -10.35 15.53
C SER A 67 23.44 -9.38 15.04
N ASN A 68 23.14 -8.08 14.99
CA ASN A 68 24.10 -7.09 14.53
C ASN A 68 25.19 -6.75 15.57
N VAL A 69 25.98 -7.76 15.93
CA VAL A 69 27.06 -7.63 16.92
C VAL A 69 28.33 -8.33 16.44
N ALA A 70 29.47 -7.91 16.98
CA ALA A 70 30.75 -8.54 16.69
C ALA A 70 30.93 -9.75 17.61
N THR A 71 31.40 -10.87 17.07
CA THR A 71 31.63 -12.07 17.88
C THR A 71 33.12 -12.35 18.06
N ALA A 72 33.44 -13.10 19.10
CA ALA A 72 34.83 -13.49 19.40
C ALA A 72 35.37 -14.43 18.32
N PRO A 73 36.58 -14.17 17.81
CA PRO A 73 37.19 -15.00 16.77
C PRO A 73 37.40 -16.45 17.21
N ALA A 81 41.11 -9.90 16.60
CA ALA A 81 40.13 -9.10 15.88
C ALA A 81 38.74 -9.75 15.92
N PRO A 82 37.73 -9.01 16.38
CA PRO A 82 36.37 -9.54 16.49
C PRO A 82 35.76 -9.89 15.13
N VAL A 83 34.82 -10.82 15.08
CA VAL A 83 34.18 -11.14 13.82
C VAL A 83 32.88 -10.34 13.68
N THR A 84 32.80 -9.54 12.62
CA THR A 84 31.60 -8.73 12.35
C THR A 84 30.46 -9.55 11.77
N LEU A 85 29.25 -9.00 11.82
CA LEU A 85 28.07 -9.65 11.28
C LEU A 85 28.25 -9.94 9.78
N PHE A 86 28.81 -8.98 9.05
CA PHE A 86 29.02 -9.12 7.60
C PHE A 86 29.86 -10.33 7.24
N THR A 87 30.97 -10.49 7.97
CA THR A 87 31.90 -11.61 7.76
C THR A 87 31.19 -12.94 7.98
N ARG A 88 30.39 -13.01 9.06
CA ARG A 88 29.61 -14.21 9.37
C ARG A 88 28.61 -14.51 8.26
N CYS A 89 28.03 -13.45 7.69
CA CYS A 89 27.06 -13.61 6.61
C CYS A 89 27.75 -14.09 5.34
N ALA A 90 28.88 -13.48 5.02
CA ALA A 90 29.67 -13.89 3.86
C ALA A 90 30.14 -15.34 4.01
N GLU A 91 30.48 -15.72 5.24
CA GLU A 91 30.90 -17.10 5.56
C GLU A 91 29.77 -18.11 5.32
N LEU A 92 28.54 -17.70 5.56
CA LEU A 92 27.38 -18.58 5.34
C LEU A 92 27.25 -18.93 3.86
N VAL A 93 27.34 -17.91 3.02
CA VAL A 93 27.24 -18.06 1.57
C VAL A 93 28.45 -18.85 1.09
N ALA A 94 29.63 -18.50 1.59
CA ALA A 94 30.87 -19.18 1.22
C ALA A 94 30.84 -20.68 1.54
N ALA A 95 30.14 -21.08 2.60
CA ALA A 95 30.04 -22.48 2.99
C ALA A 95 29.35 -23.30 1.90
N CYS A 96 28.39 -22.69 1.21
CA CYS A 96 27.67 -23.31 0.12
C CYS A 96 28.58 -23.52 -1.08
N TYR A 97 29.41 -22.52 -1.36
CA TYR A 97 30.34 -22.57 -2.50
C TYR A 97 31.51 -23.54 -2.25
N THR A 98 31.99 -23.58 -1.01
CA THR A 98 33.08 -24.47 -0.59
C THR A 98 32.68 -25.95 -0.69
N HIS A 99 31.45 -26.26 -0.27
CA HIS A 99 30.97 -27.63 -0.26
C HIS A 99 30.34 -28.13 -1.56
N TRP A 100 29.54 -27.30 -2.20
CA TRP A 100 28.85 -27.71 -3.42
C TRP A 100 29.20 -26.90 -4.69
N GLY A 101 29.99 -25.85 -4.54
CA GLY A 101 30.38 -25.02 -5.66
C GLY A 101 29.29 -24.10 -6.22
N ARG A 102 28.23 -23.87 -5.44
CA ARG A 102 27.13 -23.01 -5.87
C ARG A 102 26.13 -22.62 -4.78
N CYS A 103 25.33 -21.60 -5.08
CA CYS A 103 24.25 -21.12 -4.22
C CYS A 103 23.22 -20.44 -5.11
N ASP A 104 22.14 -21.15 -5.43
CA ASP A 104 21.10 -20.66 -6.33
C ASP A 104 19.95 -19.96 -5.62
N VAL A 105 19.64 -20.41 -4.41
CA VAL A 105 18.51 -19.88 -3.66
C VAL A 105 18.92 -19.51 -2.24
N LEU A 106 18.44 -18.33 -1.81
CA LEU A 106 18.63 -17.84 -0.45
C LEU A 106 17.26 -17.53 0.12
N VAL A 107 16.97 -18.10 1.28
CA VAL A 107 15.73 -17.82 1.99
C VAL A 107 16.10 -17.18 3.33
N ASN A 108 15.79 -15.90 3.47
CA ASN A 108 16.03 -15.19 4.72
C ASN A 108 14.81 -15.43 5.61
N ASN A 109 14.91 -16.45 6.46
CA ASN A 109 13.82 -16.89 7.33
C ASN A 109 14.03 -16.64 8.82
N ALA A 110 15.30 -16.69 9.26
CA ALA A 110 15.67 -16.49 10.67
C ALA A 110 15.11 -15.17 11.18
N SER A 111 14.61 -15.17 12.41
CA SER A 111 13.95 -13.99 12.94
C SER A 111 13.69 -14.06 14.44
N SER A 112 14.11 -13.03 15.17
CA SER A 112 13.78 -12.94 16.58
C SER A 112 12.47 -12.15 16.71
N PHE A 113 11.70 -12.45 17.75
CA PHE A 113 10.39 -11.84 17.95
C PHE A 113 10.00 -11.75 19.43
N TYR A 114 10.04 -10.54 19.97
CA TYR A 114 9.65 -10.29 21.36
C TYR A 114 9.35 -8.81 21.52
N PRO A 115 8.64 -8.45 22.60
CA PRO A 115 8.25 -7.06 22.85
C PRO A 115 9.36 -6.05 23.11
N THR A 116 9.18 -4.85 22.58
CA THR A 116 10.01 -3.68 22.87
C THR A 116 9.00 -2.54 23.09
N PRO A 117 8.36 -2.54 24.26
CA PRO A 117 7.36 -1.53 24.57
C PRO A 117 7.94 -0.11 24.57
N LEU A 118 7.15 0.87 24.13
CA LEU A 118 7.58 2.25 24.16
C LEU A 118 7.32 2.84 25.54
N LEU A 119 6.48 2.16 26.31
CA LEU A 119 6.14 2.54 27.68
C LEU A 119 6.45 1.40 28.64
N GLY A 131 21.46 -1.59 35.40
CA GLY A 131 22.10 -2.66 34.66
C GLY A 131 21.16 -3.37 33.70
N ASP A 132 20.30 -2.61 33.02
CA ASP A 132 19.34 -3.13 32.04
C ASP A 132 19.50 -2.50 30.65
N ARG A 133 20.60 -1.77 30.47
CA ARG A 133 20.95 -1.16 29.19
C ARG A 133 21.29 -2.29 28.23
N GLU A 134 21.86 -3.35 28.80
CA GLU A 134 22.22 -4.57 28.10
C GLU A 134 21.03 -5.09 27.28
N ALA A 135 19.86 -5.16 27.92
CA ALA A 135 18.64 -5.66 27.30
C ALA A 135 18.15 -4.84 26.11
N MET A 136 18.30 -3.51 26.17
CA MET A 136 17.88 -2.64 25.08
C MET A 136 18.92 -2.63 23.95
N GLU A 137 20.19 -2.64 24.30
CA GLU A 137 21.25 -2.65 23.30
C GLU A 137 21.21 -3.96 22.54
N THR A 138 20.99 -5.05 23.26
CA THR A 138 20.97 -6.36 22.62
C THR A 138 19.66 -6.66 21.89
N ALA A 139 18.55 -6.11 22.38
CA ALA A 139 17.26 -6.31 21.71
C ALA A 139 17.31 -5.66 20.32
N THR A 140 17.76 -4.41 20.29
CA THR A 140 17.87 -3.61 19.06
C THR A 140 18.74 -4.32 18.03
N ALA A 141 19.93 -4.74 18.45
CA ALA A 141 20.87 -5.41 17.55
C ALA A 141 20.37 -6.79 17.11
N ASP A 142 19.67 -7.48 18.01
CA ASP A 142 19.13 -8.80 17.73
C ASP A 142 17.94 -8.80 16.77
N LEU A 143 16.94 -7.97 17.08
CA LEU A 143 15.74 -7.91 16.27
C LEU A 143 16.06 -7.26 14.93
N PHE A 144 16.92 -6.25 14.93
CA PHE A 144 17.28 -5.61 13.66
C PHE A 144 18.22 -6.43 12.80
N GLY A 145 19.16 -7.12 13.45
CA GLY A 145 20.13 -7.96 12.77
C GLY A 145 19.52 -9.16 12.07
N SER A 146 18.74 -9.95 12.81
CA SER A 146 18.11 -11.15 12.26
C SER A 146 17.09 -10.86 11.18
N ASN A 147 16.23 -9.87 11.42
CA ASN A 147 15.15 -9.52 10.51
C ASN A 147 15.49 -8.62 9.33
N ALA A 148 16.56 -7.83 9.44
CA ALA A 148 16.91 -6.87 8.38
C ALA A 148 18.38 -6.76 7.96
N ILE A 149 19.27 -6.47 8.91
CA ILE A 149 20.70 -6.28 8.61
C ILE A 149 21.38 -7.54 8.07
N ALA A 150 21.21 -8.68 8.75
CA ALA A 150 21.81 -9.92 8.25
C ALA A 150 21.29 -10.25 6.82
N PRO A 151 19.97 -10.19 6.59
CA PRO A 151 19.43 -10.39 5.23
C PRO A 151 20.11 -9.48 4.19
N TYR A 152 20.35 -8.22 4.53
CA TYR A 152 21.06 -7.30 3.65
C TYR A 152 22.46 -7.85 3.29
N PHE A 153 23.27 -8.14 4.32
CA PHE A 153 24.63 -8.66 4.12
C PHE A 153 24.61 -10.01 3.39
N LEU A 154 23.63 -10.86 3.71
CA LEU A 154 23.50 -12.16 3.05
C LEU A 154 23.24 -11.95 1.57
N ILE A 155 22.30 -11.07 1.25
CA ILE A 155 21.97 -10.76 -0.15
C ILE A 155 23.20 -10.22 -0.87
N LYS A 156 23.88 -9.27 -0.24
CA LYS A 156 25.10 -8.69 -0.78
C LYS A 156 26.15 -9.77 -1.11
N ALA A 157 26.39 -10.68 -0.15
CA ALA A 157 27.35 -11.76 -0.35
C ALA A 157 26.89 -12.72 -1.47
N PHE A 158 25.59 -13.00 -1.49
CA PHE A 158 24.97 -13.88 -2.49
C PHE A 158 25.15 -13.27 -3.88
N ALA A 159 24.89 -11.98 -3.99
CA ALA A 159 25.00 -11.25 -5.26
C ALA A 159 26.43 -11.17 -5.78
N HIS A 160 27.38 -10.88 -4.89
CA HIS A 160 28.81 -10.84 -5.26
C HIS A 160 29.31 -12.17 -5.84
N ARG A 161 28.87 -13.29 -5.26
CA ARG A 161 29.27 -14.62 -5.74
C ARG A 161 28.77 -14.90 -7.16
N VAL A 162 27.54 -14.47 -7.46
CA VAL A 162 26.95 -14.58 -8.79
C VAL A 162 27.69 -13.69 -9.79
N ALA A 163 27.99 -12.44 -9.38
CA ALA A 163 28.71 -11.49 -10.23
C ALA A 163 30.13 -11.97 -10.60
N GLY A 164 30.81 -12.58 -9.64
CA GLY A 164 32.15 -13.12 -9.82
C GLY A 164 32.23 -14.42 -10.62
N THR A 165 31.05 -15.00 -10.93
CA THR A 165 30.95 -16.22 -11.73
C THR A 165 30.81 -15.85 -13.21
N PRO A 166 31.67 -16.41 -14.07
CA PRO A 166 31.58 -16.14 -15.52
C PRO A 166 30.18 -16.51 -16.04
N ALA A 167 29.60 -15.64 -16.85
CA ALA A 167 28.25 -15.81 -17.38
C ALA A 167 27.94 -17.24 -17.89
N LYS A 168 28.95 -17.92 -18.41
CA LYS A 168 28.77 -19.28 -18.91
C LYS A 168 28.63 -20.35 -17.83
N HIS A 169 29.04 -20.05 -16.60
CA HIS A 169 28.93 -21.01 -15.50
C HIS A 169 27.77 -20.72 -14.55
N ARG A 170 27.08 -19.60 -14.75
CA ARG A 170 26.00 -19.21 -13.88
C ARG A 170 24.75 -20.11 -13.91
N GLY A 171 24.07 -20.22 -12.77
CA GLY A 171 22.83 -20.98 -12.69
C GLY A 171 21.76 -20.27 -13.51
N THR A 172 20.66 -20.94 -13.80
CA THR A 172 19.62 -20.35 -14.64
C THR A 172 18.35 -19.95 -13.88
N ASN A 173 18.38 -20.05 -12.56
CA ASN A 173 17.21 -19.75 -11.73
C ASN A 173 17.57 -19.28 -10.32
N TYR A 174 18.14 -18.07 -10.23
CA TYR A 174 18.51 -17.49 -8.94
C TYR A 174 17.27 -16.88 -8.26
N SER A 175 17.08 -17.20 -7.00
CA SER A 175 15.92 -16.69 -6.28
C SER A 175 16.16 -16.44 -4.80
N ILE A 176 15.80 -15.24 -4.35
CA ILE A 176 15.93 -14.86 -2.95
C ILE A 176 14.54 -14.60 -2.39
N ILE A 177 14.22 -15.24 -1.26
CA ILE A 177 12.94 -15.06 -0.61
C ILE A 177 13.15 -14.52 0.78
N ASN A 178 12.49 -13.39 1.08
CA ASN A 178 12.54 -12.78 2.39
C ASN A 178 11.22 -13.05 3.12
N MET A 179 11.31 -13.64 4.31
CA MET A 179 10.11 -13.91 5.07
C MET A 179 9.64 -12.64 5.78
N VAL A 180 8.56 -12.06 5.29
CA VAL A 180 8.01 -10.84 5.88
C VAL A 180 6.81 -11.14 6.78
N ASP A 181 5.93 -10.16 7.00
CA ASP A 181 4.78 -10.32 7.90
C ASP A 181 3.57 -9.65 7.26
N ALA A 182 2.51 -10.41 6.99
CA ALA A 182 1.31 -9.87 6.36
C ALA A 182 0.58 -8.86 7.26
N MET A 183 0.83 -8.94 8.57
CA MET A 183 0.12 -8.12 9.56
C MET A 183 0.85 -6.89 10.12
N THR A 184 2.09 -6.62 9.69
CA THR A 184 2.82 -5.47 10.24
C THR A 184 2.17 -4.10 9.98
N ASN A 185 1.35 -4.00 8.93
CA ASN A 185 0.65 -2.75 8.65
C ASN A 185 -0.48 -2.47 9.65
N GLN A 186 -0.77 -3.49 10.45
CA GLN A 186 -1.72 -3.43 11.54
C GLN A 186 -0.88 -3.90 12.74
N PRO A 187 0.00 -3.04 13.23
CA PRO A 187 1.02 -3.45 14.20
C PRO A 187 0.51 -4.13 15.47
N LEU A 188 1.26 -5.14 15.90
CA LEU A 188 0.99 -5.84 17.13
C LEU A 188 1.47 -4.91 18.27
N LEU A 189 0.60 -4.66 19.24
CA LEU A 189 0.91 -3.74 20.34
C LEU A 189 2.14 -4.13 21.17
N GLY A 190 3.13 -3.24 21.15
CA GLY A 190 4.35 -3.42 21.93
C GLY A 190 5.53 -4.05 21.20
N TYR A 191 5.41 -4.26 19.89
CA TYR A 191 6.47 -4.89 19.09
C TYR A 191 7.12 -3.95 18.08
N THR A 192 7.31 -2.69 18.46
CA THR A 192 7.86 -1.67 17.56
C THR A 192 9.14 -2.04 16.78
N ILE A 193 10.20 -2.49 17.45
CA ILE A 193 11.44 -2.80 16.74
C ILE A 193 11.26 -3.93 15.74
N TYR A 194 10.47 -4.93 16.10
CA TYR A 194 10.19 -6.06 15.23
C TYR A 194 9.48 -5.55 13.97
N THR A 195 8.44 -4.77 14.20
CA THR A 195 7.62 -4.19 13.13
C THR A 195 8.49 -3.32 12.22
N MET A 196 9.38 -2.54 12.83
CA MET A 196 10.29 -1.66 12.09
C MET A 196 11.23 -2.49 11.21
N ALA A 197 11.79 -3.54 11.79
CA ALA A 197 12.70 -4.43 11.09
C ALA A 197 12.03 -5.13 9.89
N LYS A 198 10.78 -5.56 10.05
CA LYS A 198 10.03 -6.17 8.94
C LYS A 198 9.75 -5.14 7.84
N GLY A 199 9.50 -3.89 8.23
CA GLY A 199 9.36 -2.80 7.28
C GLY A 199 10.65 -2.63 6.49
N ALA A 200 11.79 -2.66 7.19
CA ALA A 200 13.11 -2.56 6.55
C ALA A 200 13.33 -3.71 5.56
N LEU A 201 12.87 -4.91 5.94
CA LEU A 201 12.97 -6.09 5.09
C LEU A 201 12.13 -5.96 3.79
N GLU A 202 10.99 -5.28 3.87
CA GLU A 202 10.18 -5.02 2.68
C GLU A 202 10.92 -4.09 1.71
N GLY A 203 11.60 -3.09 2.23
CA GLY A 203 12.38 -2.16 1.41
C GLY A 203 13.56 -2.87 0.77
N LEU A 204 14.15 -3.83 1.49
CA LEU A 204 15.28 -4.58 0.97
C LEU A 204 14.81 -5.41 -0.22
N THR A 205 13.63 -6.02 -0.07
CA THR A 205 13.01 -6.82 -1.13
C THR A 205 12.88 -6.01 -2.43
N ARG A 206 12.36 -4.79 -2.30
CA ARG A 206 12.15 -3.94 -3.46
C ARG A 206 13.46 -3.40 -4.04
N SER A 207 14.37 -2.94 -3.18
CA SER A 207 15.63 -2.36 -3.62
C SER A 207 16.55 -3.40 -4.26
N ALA A 208 16.64 -4.57 -3.62
CA ALA A 208 17.45 -5.66 -4.15
C ALA A 208 16.88 -6.17 -5.49
N ALA A 209 15.57 -6.33 -5.56
CA ALA A 209 14.94 -6.79 -6.81
C ALA A 209 15.33 -5.90 -7.97
N LEU A 210 15.31 -4.58 -7.74
CA LEU A 210 15.65 -3.64 -8.80
C LEU A 210 17.12 -3.67 -9.20
N GLU A 211 18.00 -3.67 -8.21
CA GLU A 211 19.45 -3.65 -8.46
C GLU A 211 20.02 -4.97 -8.95
N LEU A 212 19.39 -6.08 -8.59
CA LEU A 212 19.87 -7.41 -8.98
C LEU A 212 19.18 -7.99 -10.21
N ALA A 213 18.16 -7.29 -10.70
CA ALA A 213 17.49 -7.68 -11.93
C ALA A 213 18.43 -7.94 -13.12
N PRO A 214 19.46 -7.10 -13.35
CA PRO A 214 20.41 -7.34 -14.45
C PRO A 214 21.14 -8.69 -14.39
N LEU A 215 21.33 -9.23 -13.18
CA LEU A 215 21.97 -10.54 -13.00
C LEU A 215 20.90 -11.62 -12.95
N GLN A 216 19.66 -11.25 -13.27
CA GLN A 216 18.50 -12.16 -13.26
C GLN A 216 18.27 -12.83 -11.89
N ILE A 217 18.61 -12.13 -10.82
CA ILE A 217 18.35 -12.62 -9.47
C ILE A 217 17.03 -12.01 -9.04
N ARG A 218 16.04 -12.87 -8.78
CA ARG A 218 14.73 -12.43 -8.35
C ARG A 218 14.69 -12.32 -6.82
N VAL A 219 13.97 -11.32 -6.31
CA VAL A 219 13.87 -11.08 -4.88
C VAL A 219 12.44 -10.80 -4.50
N ASN A 220 11.83 -11.76 -3.79
CA ASN A 220 10.44 -11.62 -3.37
C ASN A 220 10.24 -11.85 -1.89
N GLY A 221 9.03 -11.58 -1.44
CA GLY A 221 8.70 -11.76 -0.05
C GLY A 221 7.48 -12.62 0.12
N VAL A 222 7.42 -13.35 1.23
CA VAL A 222 6.29 -14.19 1.61
C VAL A 222 5.94 -13.74 3.02
N GLY A 223 4.71 -13.32 3.22
CA GLY A 223 4.30 -12.82 4.52
C GLY A 223 3.18 -13.60 5.17
N PRO A 224 3.52 -14.46 6.13
CA PRO A 224 2.51 -15.21 6.88
C PRO A 224 1.70 -14.27 7.75
N GLY A 225 0.53 -14.73 8.20
CA GLY A 225 -0.31 -14.01 9.14
C GLY A 225 -0.12 -14.69 10.47
N LEU A 226 -0.87 -15.78 10.66
CA LEU A 226 -0.74 -16.62 11.84
C LEU A 226 -0.44 -18.02 11.34
N SER A 227 0.76 -18.50 11.66
CA SER A 227 1.23 -19.83 11.28
C SER A 227 1.79 -20.57 12.48
N VAL A 228 1.35 -21.81 12.66
CA VAL A 228 1.77 -22.67 13.77
C VAL A 228 1.90 -21.80 15.01
N LEU A 229 0.79 -21.14 15.31
CA LEU A 229 0.68 -20.23 16.44
C LEU A 229 1.14 -20.89 17.74
N VAL A 230 2.09 -20.27 18.43
CA VAL A 230 2.57 -20.82 19.70
C VAL A 230 1.38 -20.89 20.67
N ASP A 231 1.25 -22.03 21.33
CA ASP A 231 0.12 -22.27 22.23
C ASP A 231 0.40 -22.23 23.74
N ASP A 232 1.42 -21.47 24.15
CA ASP A 232 1.79 -21.32 25.57
C ASP A 232 0.88 -20.30 26.25
N MET A 233 -0.41 -20.64 26.33
CA MET A 233 -1.45 -19.80 26.90
C MET A 233 -2.69 -20.69 27.11
N PRO A 234 -3.72 -20.21 27.79
CA PRO A 234 -4.95 -21.00 27.96
C PRO A 234 -5.60 -21.41 26.62
N PRO A 235 -6.08 -22.65 26.50
CA PRO A 235 -6.72 -23.15 25.27
C PRO A 235 -7.77 -22.19 24.69
N ALA A 236 -8.63 -21.61 25.53
CA ALA A 236 -9.69 -20.72 25.05
C ALA A 236 -9.13 -19.44 24.45
N VAL A 237 -8.06 -18.92 25.05
CA VAL A 237 -7.36 -17.74 24.56
C VAL A 237 -6.69 -18.05 23.22
N TRP A 238 -6.10 -19.24 23.10
CA TRP A 238 -5.48 -19.71 21.86
C TRP A 238 -6.50 -19.89 20.73
N GLU A 239 -7.65 -20.48 21.06
CA GLU A 239 -8.72 -20.71 20.09
C GLU A 239 -9.35 -19.39 19.67
N GLY A 240 -9.37 -18.44 20.61
CA GLY A 240 -9.85 -17.10 20.36
C GLY A 240 -8.98 -16.37 19.34
N HIS A 241 -7.67 -16.52 19.47
CA HIS A 241 -6.77 -15.84 18.54
C HIS A 241 -6.92 -16.35 17.11
N ARG A 242 -6.90 -17.67 16.92
CA ARG A 242 -7.03 -18.23 15.57
C ARG A 242 -8.43 -18.10 14.94
N SER A 243 -9.48 -18.03 15.78
CA SER A 243 -10.85 -17.88 15.28
C SER A 243 -11.02 -16.56 14.51
N LYS A 244 -10.09 -15.62 14.71
CA LYS A 244 -10.12 -14.33 14.04
C LYS A 244 -9.75 -14.42 12.54
N VAL A 245 -9.01 -15.45 12.16
CA VAL A 245 -8.65 -15.64 10.75
C VAL A 245 -9.89 -15.97 9.91
N PRO A 246 -10.26 -15.12 8.95
CA PRO A 246 -11.48 -15.36 8.16
C PRO A 246 -11.56 -16.73 7.47
N LEU A 247 -10.49 -17.12 6.77
CA LEU A 247 -10.48 -18.42 6.09
C LEU A 247 -10.06 -19.54 7.05
N TYR A 248 -11.00 -20.46 7.31
CA TYR A 248 -10.82 -21.63 8.17
C TYR A 248 -10.87 -21.37 9.68
N GLN A 249 -10.80 -20.10 10.10
CA GLN A 249 -10.81 -19.75 11.53
C GLN A 249 -9.69 -20.45 12.28
N ARG A 250 -8.52 -20.51 11.65
CA ARG A 250 -7.34 -21.13 12.25
C ARG A 250 -6.04 -20.56 11.68
N ASP A 251 -4.97 -20.78 12.42
CA ASP A 251 -3.63 -20.43 11.97
C ASP A 251 -3.26 -21.46 10.90
N SER A 252 -2.23 -21.16 10.11
CA SER A 252 -1.83 -22.05 9.04
C SER A 252 -0.87 -23.15 9.50
N SER A 253 -0.66 -24.13 8.63
CA SER A 253 0.31 -25.19 8.88
C SER A 253 1.59 -24.65 8.29
N ALA A 254 2.72 -25.26 8.65
CA ALA A 254 3.99 -24.82 8.08
C ALA A 254 4.04 -25.01 6.56
N ALA A 255 3.45 -26.11 6.06
CA ALA A 255 3.42 -26.38 4.62
C ALA A 255 2.62 -25.35 3.83
N GLU A 256 1.51 -24.89 4.39
CA GLU A 256 0.66 -23.87 3.76
C GLU A 256 1.44 -22.58 3.43
N VAL A 257 2.51 -22.34 4.19
CA VAL A 257 3.40 -21.22 3.93
C VAL A 257 4.58 -21.67 3.04
N SER A 258 5.28 -22.72 3.43
CA SER A 258 6.45 -23.21 2.67
C SER A 258 6.18 -23.55 1.21
N ASP A 259 5.01 -24.11 0.90
CA ASP A 259 4.66 -24.42 -0.50
C ASP A 259 4.68 -23.16 -1.37
N VAL A 260 4.31 -22.01 -0.80
CA VAL A 260 4.30 -20.74 -1.52
C VAL A 260 5.73 -20.32 -1.85
N VAL A 261 6.62 -20.47 -0.86
CA VAL A 261 8.05 -20.15 -1.00
C VAL A 261 8.68 -20.99 -2.11
N ILE A 262 8.36 -22.29 -2.11
CA ILE A 262 8.88 -23.21 -3.11
C ILE A 262 8.38 -22.79 -4.50
N PHE A 263 7.10 -22.46 -4.60
CA PHE A 263 6.57 -22.03 -5.89
C PHE A 263 7.32 -20.81 -6.43
N LEU A 264 7.54 -19.81 -5.58
CA LEU A 264 8.26 -18.61 -5.98
C LEU A 264 9.70 -18.87 -6.44
N CYS A 265 10.33 -19.94 -5.94
CA CYS A 265 11.68 -20.30 -6.36
C CYS A 265 11.68 -21.08 -7.68
N SER A 266 10.52 -21.65 -8.05
CA SER A 266 10.42 -22.42 -9.29
C SER A 266 10.54 -21.56 -10.55
N SER A 267 11.01 -22.15 -11.63
CA SER A 267 11.16 -21.44 -12.91
C SER A 267 9.82 -20.98 -13.48
N LYS A 268 8.73 -21.53 -12.97
CA LYS A 268 7.42 -21.11 -13.41
C LYS A 268 7.05 -19.72 -12.86
N ALA A 269 7.78 -19.29 -11.83
CA ALA A 269 7.58 -17.97 -11.24
C ALA A 269 8.69 -16.99 -11.67
N LYS A 270 9.37 -17.28 -12.78
CA LYS A 270 10.51 -16.49 -13.25
C LYS A 270 10.28 -15.01 -13.65
N TYR A 271 9.02 -14.59 -13.83
CA TYR A 271 8.71 -13.19 -14.16
C TYR A 271 8.29 -12.38 -12.92
N ILE A 272 8.22 -13.05 -11.77
CA ILE A 272 7.87 -12.37 -10.51
C ILE A 272 9.14 -11.90 -9.81
N THR A 273 9.15 -10.61 -9.43
CA THR A 273 10.25 -10.02 -8.65
C THR A 273 9.82 -8.73 -7.94
N GLY A 274 10.38 -8.48 -6.76
CA GLY A 274 10.04 -7.30 -5.97
C GLY A 274 8.65 -7.27 -5.35
N THR A 275 8.01 -8.43 -5.24
CA THR A 275 6.66 -8.48 -4.71
C THR A 275 6.56 -9.30 -3.41
N CYS A 276 5.66 -8.86 -2.53
CA CYS A 276 5.41 -9.53 -1.26
C CYS A 276 4.04 -10.22 -1.30
N VAL A 277 4.07 -11.55 -1.18
CA VAL A 277 2.86 -12.37 -1.23
C VAL A 277 2.36 -12.74 0.17
N LYS A 278 1.17 -12.28 0.50
CA LYS A 278 0.53 -12.60 1.79
C LYS A 278 -0.01 -14.02 1.79
N VAL A 279 0.25 -14.75 2.88
CA VAL A 279 -0.27 -16.11 3.08
C VAL A 279 -0.88 -16.03 4.47
N ASP A 280 -2.06 -15.40 4.54
CA ASP A 280 -2.69 -15.06 5.81
C ASP A 280 -4.17 -15.41 6.01
N GLY A 281 -4.76 -16.12 5.05
CA GLY A 281 -6.17 -16.51 5.14
C GLY A 281 -7.11 -15.33 5.36
N GLY A 282 -6.72 -14.17 4.83
CA GLY A 282 -7.53 -12.97 4.92
C GLY A 282 -7.47 -12.20 6.22
N TYR A 283 -6.53 -12.54 7.10
CA TYR A 283 -6.44 -11.87 8.39
C TYR A 283 -6.20 -10.36 8.28
N SER A 284 -5.39 -9.92 7.31
CA SER A 284 -5.13 -8.48 7.12
C SER A 284 -6.35 -7.69 6.60
N LEU A 285 -7.40 -8.40 6.22
CA LEU A 285 -8.62 -7.76 5.76
C LEU A 285 -9.54 -7.41 6.92
N THR A 286 -9.18 -7.85 8.13
CA THR A 286 -10.00 -7.58 9.32
C THR A 286 -9.74 -6.23 9.97
N ARG A 287 -10.70 -5.80 10.77
CA ARG A 287 -10.61 -4.56 11.55
C ARG A 287 -11.13 -4.89 12.94
N ALA A 288 -10.76 -4.09 13.95
CA ALA A 288 -11.23 -4.31 15.32
C ALA A 288 -12.75 -4.08 15.45
N THR B 5 -0.31 27.75 26.69
CA THR B 5 0.38 28.96 26.15
C THR B 5 1.89 28.71 26.08
N VAL B 6 2.45 28.93 24.89
CA VAL B 6 3.86 28.70 24.54
C VAL B 6 4.33 27.21 24.56
N PRO B 7 3.91 26.45 23.56
CA PRO B 7 4.34 25.05 23.40
C PRO B 7 5.78 24.93 22.89
N VAL B 8 6.36 23.75 23.02
CA VAL B 8 7.75 23.51 22.61
C VAL B 8 7.85 22.42 21.54
N ALA B 9 8.74 22.63 20.58
CA ALA B 9 8.96 21.69 19.48
C ALA B 9 10.43 21.34 19.36
N LEU B 10 10.74 20.06 19.24
CA LEU B 10 12.10 19.61 19.04
C LEU B 10 12.21 19.14 17.59
N VAL B 11 13.11 19.76 16.82
CA VAL B 11 13.31 19.40 15.42
C VAL B 11 14.75 18.94 15.21
N THR B 12 14.92 17.69 14.76
CA THR B 12 16.26 17.19 14.48
C THR B 12 16.70 17.67 13.09
N GLY B 13 18.01 17.82 12.92
CA GLY B 13 18.60 18.29 11.67
C GLY B 13 17.96 19.60 11.24
N ALA B 14 17.82 20.53 12.19
CA ALA B 14 17.13 21.79 11.99
C ALA B 14 17.92 22.93 11.35
N ALA B 15 19.22 22.72 11.15
CA ALA B 15 20.11 23.77 10.65
C ALA B 15 19.78 24.35 9.28
N LYS B 16 19.48 23.50 8.30
CA LYS B 16 19.17 23.97 6.97
C LYS B 16 18.12 23.16 6.21
N ARG B 17 17.81 23.65 5.02
CA ARG B 17 16.87 23.02 4.10
C ARG B 17 15.49 22.77 4.72
N LEU B 18 14.94 21.55 4.62
CA LEU B 18 13.61 21.26 5.17
C LEU B 18 13.51 21.45 6.69
N GLY B 19 14.49 20.93 7.42
CA GLY B 19 14.55 21.05 8.87
C GLY B 19 14.44 22.50 9.34
N ARG B 20 15.21 23.38 8.71
CA ARG B 20 15.15 24.82 9.01
C ARG B 20 13.76 25.39 8.77
N SER B 21 13.18 25.05 7.62
CA SER B 21 11.84 25.51 7.26
C SER B 21 10.77 25.01 8.23
N ILE B 22 10.90 23.78 8.69
CA ILE B 22 9.98 23.24 9.69
C ILE B 22 10.11 24.04 10.99
N ALA B 23 11.37 24.26 11.41
CA ALA B 23 11.64 25.04 12.62
C ALA B 23 11.07 26.45 12.52
N GLU B 24 11.26 27.10 11.36
CA GLU B 24 10.73 28.44 11.11
C GLU B 24 9.20 28.43 11.14
N GLY B 25 8.59 27.47 10.43
CA GLY B 25 7.14 27.35 10.39
C GLY B 25 6.49 27.15 11.74
N LEU B 26 7.11 26.32 12.59
CA LEU B 26 6.60 26.08 13.93
C LEU B 26 6.78 27.34 14.80
N HIS B 27 7.93 27.98 14.67
CA HIS B 27 8.22 29.21 15.40
C HIS B 27 7.20 30.29 15.06
N ALA B 28 6.85 30.40 13.78
CA ALA B 28 5.85 31.38 13.32
C ALA B 28 4.47 31.10 13.90
N GLU B 29 4.21 29.87 14.30
CA GLU B 29 2.92 29.51 14.90
C GLU B 29 2.91 29.77 16.41
N GLY B 30 4.05 30.16 16.96
CA GLY B 30 4.16 30.48 18.38
C GLY B 30 5.01 29.53 19.20
N TYR B 31 5.52 28.47 18.57
CA TYR B 31 6.31 27.46 19.27
C TYR B 31 7.69 27.95 19.66
N ALA B 32 8.18 27.44 20.78
CA ALA B 32 9.55 27.64 21.20
C ALA B 32 10.24 26.42 20.57
N VAL B 33 11.43 26.60 19.97
CA VAL B 33 12.04 25.51 19.22
C VAL B 33 13.44 25.10 19.65
N CYS B 34 13.63 23.80 19.88
CA CYS B 34 14.94 23.25 20.18
C CYS B 34 15.47 22.75 18.83
N LEU B 35 16.54 23.40 18.36
CA LEU B 35 17.12 23.08 17.06
C LEU B 35 18.31 22.15 17.22
N HIS B 36 18.11 20.88 16.85
CA HIS B 36 19.21 19.92 16.91
C HIS B 36 20.08 20.04 15.65
N TYR B 37 21.36 19.69 15.79
CA TYR B 37 22.29 19.69 14.68
C TYR B 37 23.39 18.70 14.96
N HIS B 38 24.11 18.30 13.92
CA HIS B 38 25.24 17.39 14.06
C HIS B 38 26.53 18.13 13.70
N ARG B 39 26.68 18.51 12.43
CA ARG B 39 27.89 19.21 11.97
C ARG B 39 27.69 20.67 11.60
N SER B 40 26.44 21.10 11.42
CA SER B 40 26.15 22.46 11.02
C SER B 40 25.97 23.46 12.18
N ALA B 41 27.01 23.57 13.01
CA ALA B 41 27.00 24.44 14.18
C ALA B 41 26.72 25.90 13.85
N ALA B 42 27.48 26.42 12.88
CA ALA B 42 27.36 27.82 12.46
C ALA B 42 25.96 28.15 11.97
N GLU B 43 25.43 27.32 11.09
CA GLU B 43 24.08 27.51 10.52
C GLU B 43 22.98 27.45 11.58
N ALA B 44 23.11 26.50 12.51
CA ALA B 44 22.15 26.29 13.61
C ALA B 44 22.13 27.49 14.56
N ASN B 45 23.32 27.95 14.96
CA ASN B 45 23.43 29.11 15.83
C ASN B 45 22.97 30.42 15.17
N ALA B 46 23.14 30.55 13.86
CA ALA B 46 22.66 31.74 13.15
C ALA B 46 21.15 31.73 13.14
N LEU B 47 20.56 30.54 12.93
CA LEU B 47 19.09 30.39 12.94
C LEU B 47 18.52 30.68 14.33
N SER B 48 19.17 30.16 15.37
CA SER B 48 18.75 30.39 16.76
C SER B 48 18.78 31.88 17.10
N ALA B 49 19.82 32.58 16.64
CA ALA B 49 19.96 34.02 16.87
C ALA B 49 18.82 34.78 16.20
N THR B 50 18.44 34.36 14.99
CA THR B 50 17.34 35.02 14.27
C THR B 50 16.02 34.87 15.00
N LEU B 51 15.71 33.64 15.43
CA LEU B 51 14.46 33.36 16.13
C LEU B 51 14.38 34.01 17.51
N ASN B 52 15.52 34.02 18.23
CA ASN B 52 15.59 34.64 19.54
C ASN B 52 15.49 36.18 19.46
N ALA B 53 15.98 36.77 18.36
CA ALA B 53 15.86 38.21 18.16
C ALA B 53 14.39 38.58 17.88
N ARG B 54 13.69 37.68 17.21
CA ARG B 54 12.26 37.87 16.87
C ARG B 54 11.33 37.68 18.07
N ARG B 55 11.77 36.88 19.03
CA ARG B 55 11.01 36.55 20.23
C ARG B 55 12.04 35.96 21.20
N PRO B 56 12.31 36.68 22.29
CA PRO B 56 13.35 36.26 23.24
C PRO B 56 13.10 34.88 23.88
N ASN B 57 14.17 34.12 24.07
CA ASN B 57 14.12 32.80 24.68
C ASN B 57 13.12 31.86 23.99
N SER B 58 13.12 31.91 22.66
CA SER B 58 12.22 31.09 21.84
C SER B 58 12.97 30.06 20.99
N ALA B 59 14.28 29.93 21.20
CA ALA B 59 15.11 28.97 20.48
C ALA B 59 16.40 28.62 21.21
N ILE B 60 16.76 27.34 21.15
CA ILE B 60 18.02 26.84 21.72
C ILE B 60 18.63 25.85 20.72
N THR B 61 19.90 25.51 20.90
CA THR B 61 20.55 24.51 20.05
C THR B 61 21.14 23.40 20.90
N VAL B 62 21.14 22.19 20.37
CA VAL B 62 21.74 21.03 21.03
C VAL B 62 22.42 20.22 19.93
N GLN B 63 23.60 19.67 20.22
CA GLN B 63 24.36 18.89 19.26
C GLN B 63 24.34 17.40 19.60
N ALA B 64 24.20 16.58 18.56
CA ALA B 64 24.25 15.13 18.75
C ALA B 64 24.44 14.37 17.45
N ASP B 65 25.29 13.36 17.50
CA ASP B 65 25.48 12.44 16.39
C ASP B 65 24.37 11.42 16.66
N LEU B 66 23.49 11.24 15.68
CA LEU B 66 22.35 10.33 15.80
C LEU B 66 22.62 8.98 15.18
N SER B 67 23.86 8.76 14.78
CA SER B 67 24.25 7.46 14.24
C SER B 67 24.18 6.44 15.38
N ASN B 68 23.87 5.18 15.05
CA ASN B 68 23.78 4.12 16.06
C ASN B 68 25.15 3.63 16.57
N VAL B 69 25.90 4.54 17.18
CA VAL B 69 27.23 4.26 17.74
C VAL B 69 27.38 4.89 19.13
N ALA B 70 28.27 4.32 19.93
CA ALA B 70 28.56 4.87 21.25
C ALA B 70 29.57 6.02 21.08
N THR B 71 29.41 7.08 21.85
CA THR B 71 30.34 8.20 21.79
C THR B 71 31.14 8.35 23.09
N ALA B 72 32.32 8.95 22.98
CA ALA B 72 33.17 9.19 24.13
C ALA B 72 32.68 10.42 24.89
N PRO B 73 32.49 10.29 26.21
CA PRO B 73 32.01 11.38 27.07
C PRO B 73 32.68 12.73 26.82
N SER B 80 32.54 8.29 32.65
CA SER B 80 33.61 7.40 32.19
C SER B 80 33.20 6.54 30.99
N ALA B 81 32.15 5.73 31.16
CA ALA B 81 31.64 4.84 30.11
C ALA B 81 31.24 5.58 28.81
N PRO B 82 31.30 4.89 27.67
CA PRO B 82 30.92 5.49 26.39
C PRO B 82 29.44 5.82 26.36
N VAL B 83 29.06 6.91 25.72
CA VAL B 83 27.66 7.30 25.68
C VAL B 83 26.92 6.64 24.51
N THR B 84 25.85 5.91 24.85
CA THR B 84 25.05 5.22 23.84
C THR B 84 24.13 6.18 23.10
N LEU B 85 23.63 5.72 21.95
CA LEU B 85 22.70 6.52 21.16
C LEU B 85 21.44 6.86 21.97
N PHE B 86 20.92 5.88 22.72
CA PHE B 86 19.72 6.09 23.52
C PHE B 86 19.85 7.25 24.49
N THR B 87 20.95 7.27 25.23
CA THR B 87 21.24 8.31 26.21
C THR B 87 21.29 9.68 25.54
N ARG B 88 21.92 9.76 24.37
CA ARG B 88 22.01 11.01 23.62
C ARG B 88 20.62 11.47 23.18
N CYS B 89 19.77 10.52 22.81
CA CYS B 89 18.40 10.81 22.39
C CYS B 89 17.57 11.30 23.58
N ALA B 90 17.67 10.61 24.71
CA ALA B 90 16.97 11.02 25.93
C ALA B 90 17.44 12.41 26.34
N GLU B 91 18.74 12.68 26.18
CA GLU B 91 19.31 13.99 26.53
C GLU B 91 18.71 15.10 25.67
N LEU B 92 18.42 14.81 24.40
CA LEU B 92 17.81 15.80 23.51
C LEU B 92 16.43 16.23 24.03
N VAL B 93 15.61 15.25 24.42
CA VAL B 93 14.28 15.51 24.94
C VAL B 93 14.40 16.20 26.30
N ALA B 94 15.35 15.73 27.11
CA ALA B 94 15.59 16.31 28.42
C ALA B 94 16.00 17.78 28.34
N ALA B 95 16.68 18.16 27.27
CA ALA B 95 17.12 19.54 27.09
C ALA B 95 15.93 20.48 27.00
N CYS B 96 14.85 20.02 26.38
CA CYS B 96 13.60 20.76 26.23
C CYS B 96 12.91 20.93 27.57
N TYR B 97 12.92 19.87 28.39
CA TYR B 97 12.27 19.93 29.70
C TYR B 97 13.07 20.77 30.72
N THR B 98 14.40 20.67 30.66
CA THR B 98 15.29 21.44 31.51
C THR B 98 15.16 22.94 31.27
N HIS B 99 15.03 23.35 30.00
CA HIS B 99 14.99 24.76 29.64
C HIS B 99 13.61 25.38 29.66
N TRP B 100 12.61 24.67 29.14
CA TRP B 100 11.25 25.20 29.04
C TRP B 100 10.21 24.44 29.86
N GLY B 101 10.58 23.29 30.42
CA GLY B 101 9.66 22.48 31.20
C GLY B 101 8.62 21.69 30.42
N ARG B 102 8.84 21.57 29.10
CA ARG B 102 7.92 20.83 28.24
C ARG B 102 8.47 20.48 26.85
N CYS B 103 7.77 19.55 26.19
CA CYS B 103 8.06 19.11 24.82
C CYS B 103 6.77 18.58 24.24
N ASP B 104 6.11 19.40 23.42
CA ASP B 104 4.81 19.06 22.81
C ASP B 104 4.93 18.42 21.43
N VAL B 105 5.95 18.82 20.69
CA VAL B 105 6.11 18.35 19.32
C VAL B 105 7.53 17.86 19.08
N LEU B 106 7.61 16.70 18.42
CA LEU B 106 8.89 16.13 18.00
C LEU B 106 8.81 15.90 16.50
N VAL B 107 9.80 16.42 15.77
CA VAL B 107 9.90 16.20 14.32
C VAL B 107 11.19 15.46 14.03
N ASN B 108 11.07 14.21 13.59
CA ASN B 108 12.24 13.42 13.24
C ASN B 108 12.60 13.72 11.81
N ASN B 109 13.48 14.70 11.64
CA ASN B 109 13.86 15.16 10.29
C ASN B 109 15.28 14.80 9.86
N ALA B 110 16.21 14.76 10.81
CA ALA B 110 17.61 14.46 10.54
C ALA B 110 17.71 13.16 9.74
N SER B 111 18.62 13.11 8.77
CA SER B 111 18.72 11.95 7.89
C SER B 111 19.96 11.93 7.02
N SER B 112 20.72 10.84 7.06
CA SER B 112 21.85 10.71 6.16
C SER B 112 21.36 10.02 4.88
N PHE B 113 22.01 10.30 3.76
CA PHE B 113 21.59 9.79 2.46
C PHE B 113 22.77 9.70 1.50
N TYR B 114 23.22 8.47 1.24
CA TYR B 114 24.28 8.20 0.29
C TYR B 114 24.17 6.73 -0.13
N PRO B 115 24.82 6.35 -1.25
CA PRO B 115 24.76 4.99 -1.79
C PRO B 115 25.36 3.87 -0.94
N THR B 116 24.71 2.71 -0.99
CA THR B 116 25.22 1.47 -0.41
C THR B 116 24.92 0.40 -1.45
N PRO B 117 25.73 0.37 -2.52
CA PRO B 117 25.50 -0.56 -3.63
C PRO B 117 25.62 -2.01 -3.21
N LEU B 118 24.84 -2.88 -3.85
CA LEU B 118 24.91 -4.32 -3.60
C LEU B 118 25.95 -4.97 -4.50
N LEU B 119 26.33 -4.26 -5.55
CA LEU B 119 27.29 -4.75 -6.52
C LEU B 119 28.60 -3.97 -6.54
N ARG B 133 35.29 -1.77 4.60
CA ARG B 133 35.46 -2.41 5.90
C ARG B 133 34.91 -1.51 7.00
N GLU B 134 35.62 -0.42 7.26
CA GLU B 134 35.17 0.56 8.24
C GLU B 134 34.10 1.41 7.56
N ALA B 135 34.11 1.39 6.22
CA ALA B 135 33.14 2.11 5.41
C ALA B 135 31.76 1.49 5.52
N MET B 136 31.69 0.16 5.51
CA MET B 136 30.42 -0.55 5.59
C MET B 136 29.84 -0.50 7.00
N GLU B 137 30.68 -0.64 8.01
CA GLU B 137 30.19 -0.63 9.39
C GLU B 137 29.64 0.71 9.83
N THR B 138 30.24 1.81 9.36
CA THR B 138 29.76 3.14 9.74
C THR B 138 28.59 3.63 8.90
N ALA B 139 28.49 3.16 7.67
CA ALA B 139 27.36 3.51 6.81
C ALA B 139 26.07 2.93 7.40
N THR B 140 26.12 1.65 7.77
CA THR B 140 24.99 0.92 8.34
C THR B 140 24.49 1.61 9.60
N ALA B 141 25.41 1.91 10.51
CA ALA B 141 25.06 2.56 11.77
C ALA B 141 24.56 3.99 11.58
N ASP B 142 25.14 4.70 10.62
CA ASP B 142 24.78 6.08 10.30
C ASP B 142 23.43 6.22 9.61
N LEU B 143 23.23 5.48 8.53
CA LEU B 143 21.99 5.54 7.78
C LEU B 143 20.83 4.99 8.61
N PHE B 144 21.06 3.88 9.32
CA PHE B 144 20.02 3.29 10.15
C PHE B 144 19.73 4.08 11.42
N GLY B 145 20.78 4.64 12.02
CA GLY B 145 20.63 5.43 13.24
C GLY B 145 19.83 6.71 13.04
N SER B 146 20.25 7.52 12.06
CA SER B 146 19.60 8.80 11.80
C SER B 146 18.17 8.67 11.29
N ASN B 147 17.95 7.74 10.37
CA ASN B 147 16.65 7.54 9.76
C ASN B 147 15.63 6.68 10.51
N ALA B 148 16.09 5.83 11.44
CA ALA B 148 15.19 4.89 12.13
C ALA B 148 15.42 4.69 13.63
N ILE B 149 16.62 4.24 14.01
CA ILE B 149 16.95 3.94 15.40
C ILE B 149 16.87 5.17 16.32
N ALA B 150 17.46 6.29 15.91
CA ALA B 150 17.38 7.50 16.74
C ALA B 150 15.91 7.95 16.92
N PRO B 151 15.14 8.02 15.82
CA PRO B 151 13.69 8.32 15.92
C PRO B 151 12.97 7.41 16.92
N TYR B 152 13.32 6.12 16.93
CA TYR B 152 12.71 5.18 17.89
C TYR B 152 13.00 5.62 19.32
N PHE B 153 14.28 5.84 19.62
CA PHE B 153 14.68 6.24 20.98
C PHE B 153 14.14 7.62 21.36
N LEU B 154 14.11 8.52 20.38
CA LEU B 154 13.57 9.86 20.60
C LEU B 154 12.09 9.76 20.95
N ILE B 155 11.35 8.93 20.21
CA ILE B 155 9.93 8.75 20.47
C ILE B 155 9.74 8.15 21.87
N LYS B 156 10.51 7.12 22.17
CA LYS B 156 10.47 6.47 23.48
C LYS B 156 10.68 7.48 24.61
N ALA B 157 11.71 8.32 24.49
CA ALA B 157 12.01 9.33 25.50
C ALA B 157 10.92 10.39 25.59
N PHE B 158 10.38 10.78 24.44
CA PHE B 158 9.30 11.75 24.37
C PHE B 158 8.05 11.23 25.08
N ALA B 159 7.72 9.96 24.80
CA ALA B 159 6.55 9.32 25.39
C ALA B 159 6.64 9.15 26.91
N HIS B 160 7.84 8.81 27.38
CA HIS B 160 8.10 8.65 28.81
C HIS B 160 7.92 9.95 29.61
N ARG B 161 8.27 11.07 29.00
CA ARG B 161 8.18 12.36 29.65
C ARG B 161 6.74 12.78 29.78
N VAL B 162 5.91 12.34 28.82
CA VAL B 162 4.48 12.61 28.85
C VAL B 162 3.82 11.74 29.91
N ALA B 163 4.17 10.45 29.92
CA ALA B 163 3.59 9.51 30.89
C ALA B 163 3.91 9.87 32.33
N GLY B 164 5.13 10.38 32.58
CA GLY B 164 5.58 10.77 33.90
C GLY B 164 5.03 12.11 34.40
N THR B 165 4.31 12.80 33.52
CA THR B 165 3.65 14.06 33.81
C THR B 165 2.22 13.75 34.30
N PRO B 166 1.82 14.31 35.44
CA PRO B 166 0.45 14.14 35.95
C PRO B 166 -0.57 14.64 34.92
N ALA B 167 -1.65 13.89 34.72
CA ALA B 167 -2.69 14.21 33.71
C ALA B 167 -3.17 15.66 33.68
N LYS B 168 -3.28 16.26 34.85
CA LYS B 168 -3.74 17.64 35.05
C LYS B 168 -2.78 18.70 34.51
N HIS B 169 -1.52 18.30 34.32
CA HIS B 169 -0.44 19.16 33.86
C HIS B 169 -0.05 18.98 32.37
N ARG B 170 -0.50 17.89 31.77
CA ARG B 170 -0.15 17.57 30.38
C ARG B 170 -0.63 18.58 29.33
N GLY B 171 0.12 18.70 28.24
CA GLY B 171 -0.27 19.55 27.12
C GLY B 171 -1.49 18.96 26.45
N THR B 172 -2.16 19.74 25.62
CA THR B 172 -3.39 19.28 24.97
C THR B 172 -3.27 18.97 23.48
N ASN B 173 -2.03 18.99 22.97
CA ASN B 173 -1.78 18.78 21.54
C ASN B 173 -0.38 18.19 21.25
N TYR B 174 -0.19 16.93 21.64
CA TYR B 174 1.08 16.24 21.41
C TYR B 174 1.12 15.71 19.98
N SER B 175 2.24 15.94 19.30
CA SER B 175 2.36 15.51 17.92
C SER B 175 3.79 15.18 17.50
N ILE B 176 3.96 14.00 16.93
CA ILE B 176 5.25 13.53 16.42
C ILE B 176 5.14 13.34 14.91
N ILE B 177 6.07 13.95 14.18
CA ILE B 177 6.11 13.85 12.72
C ILE B 177 7.42 13.23 12.28
N ASN B 178 7.33 12.15 11.51
CA ASN B 178 8.50 11.46 10.99
C ASN B 178 8.63 11.83 9.51
N MET B 179 9.80 12.30 9.11
CA MET B 179 10.01 12.65 7.71
C MET B 179 10.37 11.39 6.93
N VAL B 180 9.42 10.91 6.13
CA VAL B 180 9.60 9.72 5.31
C VAL B 180 9.93 10.10 3.87
N ASP B 181 9.71 9.19 2.93
CA ASP B 181 10.04 9.39 1.52
C ASP B 181 8.89 8.90 0.65
N ALA B 182 8.32 9.77 -0.17
CA ALA B 182 7.21 9.36 -1.04
C ALA B 182 7.63 8.35 -2.12
N MET B 183 8.93 8.32 -2.41
CA MET B 183 9.45 7.50 -3.50
C MET B 183 10.14 6.18 -3.15
N THR B 184 10.23 5.83 -1.87
CA THR B 184 10.94 4.58 -1.49
C THR B 184 10.33 3.28 -2.04
N ASN B 185 9.04 3.30 -2.38
CA ASN B 185 8.38 2.12 -2.95
C ASN B 185 8.81 1.91 -4.40
N GLN B 186 9.48 2.92 -4.95
CA GLN B 186 10.07 2.88 -6.28
C GLN B 186 11.54 3.22 -6.02
N PRO B 187 12.28 2.25 -5.48
CA PRO B 187 13.63 2.50 -4.95
C PRO B 187 14.63 3.17 -5.89
N LEU B 188 15.42 4.07 -5.33
CA LEU B 188 16.49 4.70 -6.04
C LEU B 188 17.63 3.68 -6.12
N LEU B 189 18.10 3.44 -7.34
CA LEU B 189 19.14 2.45 -7.57
C LEU B 189 20.43 2.67 -6.77
N GLY B 190 20.75 1.71 -5.91
CA GLY B 190 21.96 1.75 -5.11
C GLY B 190 21.87 2.34 -3.73
N TYR B 191 20.65 2.60 -3.25
CA TYR B 191 20.43 3.21 -1.94
C TYR B 191 19.71 2.26 -0.97
N THR B 192 20.01 0.96 -1.05
CA THR B 192 19.35 -0.04 -0.21
C THR B 192 19.20 0.24 1.29
N ILE B 193 20.28 0.59 1.98
CA ILE B 193 20.20 0.84 3.41
C ILE B 193 19.31 2.03 3.76
N TYR B 194 19.40 3.09 2.96
CA TYR B 194 18.56 4.27 3.14
C TYR B 194 17.09 3.85 2.98
N THR B 195 16.78 3.18 1.87
CA THR B 195 15.43 2.72 1.56
C THR B 195 14.90 1.81 2.67
N MET B 196 15.77 0.92 3.18
CA MET B 196 15.40 0.03 4.28
C MET B 196 15.05 0.83 5.54
N ALA B 197 15.88 1.82 5.84
CA ALA B 197 15.68 2.64 7.03
C ALA B 197 14.38 3.46 6.95
N LYS B 198 14.06 4.00 5.78
CA LYS B 198 12.80 4.74 5.60
C LYS B 198 11.60 3.81 5.76
N GLY B 199 11.74 2.57 5.29
CA GLY B 199 10.74 1.55 5.49
C GLY B 199 10.54 1.29 6.98
N ALA B 200 11.63 1.22 7.73
CA ALA B 200 11.57 1.01 9.18
C ALA B 200 10.87 2.18 9.84
N LEU B 201 11.14 3.38 9.35
CA LEU B 201 10.52 4.61 9.85
C LEU B 201 9.00 4.63 9.65
N GLU B 202 8.52 4.03 8.56
CA GLU B 202 7.08 3.93 8.32
C GLU B 202 6.43 3.00 9.35
N GLY B 203 7.13 1.92 9.70
CA GLY B 203 6.67 0.96 10.69
C GLY B 203 6.60 1.61 12.06
N LEU B 204 7.57 2.46 12.34
CA LEU B 204 7.63 3.16 13.62
C LEU B 204 6.43 4.10 13.73
N THR B 205 6.11 4.76 12.62
CA THR B 205 4.96 5.67 12.54
C THR B 205 3.66 4.97 12.93
N ARG B 206 3.39 3.81 12.34
CA ARG B 206 2.17 3.07 12.62
C ARG B 206 2.17 2.43 14.02
N SER B 207 3.27 1.81 14.40
CA SER B 207 3.38 1.16 15.70
C SER B 207 3.26 2.18 16.85
N ALA B 208 4.01 3.27 16.74
CA ALA B 208 3.95 4.30 17.79
C ALA B 208 2.57 4.96 17.85
N ALA B 209 1.95 5.20 16.69
CA ALA B 209 0.62 5.81 16.67
C ALA B 209 -0.37 4.95 17.48
N LEU B 210 -0.30 3.64 17.28
CA LEU B 210 -1.19 2.72 17.98
C LEU B 210 -0.92 2.65 19.50
N GLU B 211 0.34 2.54 19.89
CA GLU B 211 0.72 2.39 21.28
C GLU B 211 0.62 3.68 22.08
N LEU B 212 0.78 4.83 21.42
CA LEU B 212 0.74 6.12 22.10
C LEU B 212 -0.61 6.82 22.06
N ALA B 213 -1.54 6.25 21.30
CA ALA B 213 -2.90 6.77 21.21
C ALA B 213 -3.55 7.02 22.59
N PRO B 214 -3.42 6.11 23.56
CA PRO B 214 -4.00 6.32 24.91
C PRO B 214 -3.52 7.60 25.59
N LEU B 215 -2.28 8.03 25.32
CA LEU B 215 -1.74 9.26 25.86
C LEU B 215 -2.05 10.43 24.94
N GLN B 216 -2.86 10.18 23.93
CA GLN B 216 -3.26 11.21 22.96
C GLN B 216 -2.07 11.82 22.22
N ILE B 217 -1.03 11.01 22.00
CA ILE B 217 0.12 11.44 21.21
C ILE B 217 -0.08 10.93 19.79
N ARG B 218 -0.21 11.86 18.84
CA ARG B 218 -0.38 11.51 17.44
C ARG B 218 0.97 11.34 16.77
N VAL B 219 1.06 10.34 15.88
CA VAL B 219 2.30 10.06 15.16
C VAL B 219 2.01 9.90 13.68
N ASN B 220 2.50 10.84 12.90
CA ASN B 220 2.28 10.83 11.46
C ASN B 220 3.56 10.99 10.67
N GLY B 221 3.47 10.73 9.36
CA GLY B 221 4.61 10.88 8.49
C GLY B 221 4.32 11.85 7.37
N VAL B 222 5.37 12.55 6.92
CA VAL B 222 5.30 13.45 5.76
C VAL B 222 6.40 12.95 4.82
N GLY B 223 6.02 12.65 3.58
CA GLY B 223 6.96 12.12 2.62
C GLY B 223 7.17 12.97 1.39
N PRO B 224 8.27 13.73 1.34
CA PRO B 224 8.62 14.49 0.15
C PRO B 224 8.99 13.58 -1.01
N GLY B 225 8.95 14.10 -2.24
CA GLY B 225 9.38 13.40 -3.43
C GLY B 225 10.73 14.00 -3.77
N LEU B 226 10.68 15.12 -4.49
CA LEU B 226 11.89 15.88 -4.81
C LEU B 226 11.70 17.28 -4.24
N SER B 227 12.51 17.64 -3.26
CA SER B 227 12.47 18.96 -2.60
C SER B 227 13.87 19.55 -2.54
N VAL B 228 14.00 20.80 -2.98
CA VAL B 228 15.29 21.50 -3.00
C VAL B 228 16.37 20.52 -3.48
N LEU B 229 16.17 20.04 -4.70
CA LEU B 229 17.05 19.04 -5.29
C LEU B 229 18.48 19.54 -5.44
N VAL B 230 19.44 18.79 -4.89
CA VAL B 230 20.86 19.16 -4.98
C VAL B 230 21.27 19.15 -6.46
N ASP B 231 22.04 20.17 -6.87
CA ASP B 231 22.40 20.36 -8.27
C ASP B 231 23.85 20.14 -8.73
N ASP B 232 24.60 19.33 -7.99
CA ASP B 232 26.00 19.03 -8.30
C ASP B 232 26.11 18.12 -9.54
N MET B 233 25.59 18.61 -10.66
CA MET B 233 25.54 17.85 -11.90
C MET B 233 25.29 18.79 -13.09
N PRO B 234 25.53 18.34 -14.32
CA PRO B 234 25.23 19.20 -15.48
C PRO B 234 23.80 19.74 -15.42
N PRO B 235 23.59 21.02 -15.76
CA PRO B 235 22.28 21.66 -15.75
C PRO B 235 21.18 20.84 -16.46
N ALA B 236 21.49 20.23 -17.61
CA ALA B 236 20.50 19.43 -18.34
C ALA B 236 20.09 18.21 -17.56
N VAL B 237 21.04 17.60 -16.84
CA VAL B 237 20.73 16.46 -16.00
C VAL B 237 19.78 16.90 -14.87
N TRP B 238 20.13 18.01 -14.21
CA TRP B 238 19.27 18.59 -13.16
C TRP B 238 17.86 18.86 -13.68
N GLU B 239 17.77 19.54 -14.83
CA GLU B 239 16.51 19.85 -15.49
C GLU B 239 15.74 18.58 -15.88
N GLY B 240 16.45 17.57 -16.40
CA GLY B 240 15.85 16.30 -16.76
C GLY B 240 15.16 15.65 -15.57
N HIS B 241 15.83 15.63 -14.41
CA HIS B 241 15.28 15.01 -13.22
C HIS B 241 14.01 15.68 -12.69
N ARG B 242 14.02 17.00 -12.53
CA ARG B 242 12.85 17.68 -12.00
C ARG B 242 11.69 17.77 -12.98
N SER B 243 11.97 17.73 -14.28
CA SER B 243 10.94 17.80 -15.31
C SER B 243 9.96 16.63 -15.24
N LYS B 244 10.39 15.56 -14.56
CA LYS B 244 9.62 14.33 -14.40
C LYS B 244 8.46 14.43 -13.40
N VAL B 245 8.52 15.41 -12.49
CA VAL B 245 7.44 15.62 -11.53
C VAL B 245 6.22 16.11 -12.30
N PRO B 246 5.12 15.37 -12.30
CA PRO B 246 3.94 15.74 -13.10
C PRO B 246 3.42 17.15 -12.82
N LEU B 247 3.26 17.51 -11.55
CA LEU B 247 2.75 18.82 -11.19
C LEU B 247 3.89 19.87 -11.10
N TYR B 248 3.84 20.85 -11.99
CA TYR B 248 4.82 21.95 -12.11
C TYR B 248 6.15 21.62 -12.79
N GLN B 249 6.44 20.33 -12.98
CA GLN B 249 7.70 19.90 -13.62
C GLN B 249 8.92 20.47 -12.88
N ARG B 250 8.85 20.47 -11.55
CA ARG B 250 9.94 20.95 -10.71
C ARG B 250 9.89 20.31 -9.32
N ASP B 251 11.03 20.37 -8.63
CA ASP B 251 11.14 19.93 -7.26
C ASP B 251 10.40 20.98 -6.43
N SER B 252 10.06 20.64 -5.21
CA SER B 252 9.33 21.56 -4.34
C SER B 252 10.27 22.53 -3.60
N SER B 253 9.68 23.56 -2.99
CA SER B 253 10.42 24.48 -2.15
C SER B 253 10.39 23.85 -0.76
N ALA B 254 11.17 24.36 0.17
CA ALA B 254 11.14 23.84 1.54
C ALA B 254 9.78 24.10 2.22
N ALA B 255 9.20 25.28 1.97
CA ALA B 255 7.92 25.65 2.56
C ALA B 255 6.78 24.72 2.11
N GLU B 256 6.81 24.31 0.84
CA GLU B 256 5.79 23.42 0.26
C GLU B 256 5.70 22.11 1.02
N VAL B 257 6.78 21.75 1.70
CA VAL B 257 6.81 20.56 2.54
C VAL B 257 6.52 20.96 4.00
N SER B 258 7.27 21.92 4.53
CA SER B 258 7.10 22.34 5.94
C SER B 258 5.69 22.81 6.33
N ASP B 259 4.97 23.44 5.40
CA ASP B 259 3.60 23.87 5.68
C ASP B 259 2.70 22.67 6.00
N VAL B 260 2.99 21.53 5.36
CA VAL B 260 2.22 20.32 5.61
C VAL B 260 2.49 19.83 7.03
N VAL B 261 3.77 19.84 7.41
CA VAL B 261 4.18 19.39 8.73
C VAL B 261 3.49 20.23 9.81
N ILE B 262 3.50 21.55 9.62
CA ILE B 262 2.89 22.48 10.57
C ILE B 262 1.39 22.22 10.69
N PHE B 263 0.73 21.95 9.56
CA PHE B 263 -0.69 21.65 9.61
C PHE B 263 -0.97 20.41 10.45
N LEU B 264 -0.18 19.35 10.22
CA LEU B 264 -0.36 18.11 10.95
C LEU B 264 -0.16 18.26 12.46
N CYS B 265 0.64 19.25 12.87
CA CYS B 265 0.85 19.53 14.29
C CYS B 265 -0.29 20.38 14.91
N SER B 266 -1.05 21.07 14.07
CA SER B 266 -2.15 21.91 14.53
C SER B 266 -3.32 21.11 15.11
N SER B 267 -4.12 21.74 15.97
CA SER B 267 -5.24 21.07 16.60
C SER B 267 -6.36 20.72 15.62
N LYS B 268 -6.32 21.31 14.43
CA LYS B 268 -7.30 21.02 13.41
C LYS B 268 -7.07 19.61 12.83
N ALA B 269 -5.85 19.11 12.96
CA ALA B 269 -5.46 17.79 12.50
C ALA B 269 -5.50 16.74 13.62
N LYS B 270 -6.17 17.03 14.73
CA LYS B 270 -6.16 16.13 15.90
C LYS B 270 -6.82 14.75 15.77
N TYR B 271 -7.50 14.47 14.67
CA TYR B 271 -8.07 13.13 14.48
C TYR B 271 -7.19 12.29 13.53
N ILE B 272 -6.10 12.89 13.03
CA ILE B 272 -5.18 12.20 12.15
C ILE B 272 -4.04 11.58 12.95
N THR B 273 -3.86 10.27 12.78
CA THR B 273 -2.73 9.55 13.40
C THR B 273 -2.37 8.26 12.63
N GLY B 274 -1.10 7.89 12.65
CA GLY B 274 -0.62 6.70 11.95
C GLY B 274 -0.63 6.76 10.43
N THR B 275 -0.68 7.96 9.87
CA THR B 275 -0.76 8.09 8.41
C THR B 275 0.45 8.82 7.82
N CYS B 276 0.83 8.41 6.61
CA CYS B 276 1.94 9.03 5.88
C CYS B 276 1.39 9.85 4.72
N VAL B 277 1.67 11.16 4.75
CA VAL B 277 1.19 12.09 3.72
C VAL B 277 2.28 12.43 2.70
N LYS B 278 2.05 12.04 1.45
CA LYS B 278 2.98 12.34 0.37
C LYS B 278 2.88 13.82 -0.02
N VAL B 279 4.03 14.47 -0.23
CA VAL B 279 4.11 15.84 -0.70
C VAL B 279 5.11 15.74 -1.86
N ASP B 280 4.64 15.21 -2.99
CA ASP B 280 5.50 14.86 -4.12
C ASP B 280 5.07 15.30 -5.52
N GLY B 281 4.03 16.14 -5.62
CA GLY B 281 3.57 16.61 -6.92
C GLY B 281 3.25 15.51 -7.93
N GLY B 282 2.80 14.37 -7.43
CA GLY B 282 2.46 13.23 -8.27
C GLY B 282 3.62 12.39 -8.80
N TYR B 283 4.83 12.62 -8.30
CA TYR B 283 6.01 11.86 -8.77
C TYR B 283 5.86 10.33 -8.60
N SER B 284 5.30 9.88 -7.48
CA SER B 284 5.09 8.45 -7.23
C SER B 284 4.05 7.79 -8.15
N LEU B 285 3.33 8.60 -8.92
CA LEU B 285 2.35 8.09 -9.88
C LEU B 285 3.01 7.74 -11.21
N THR B 286 4.28 8.07 -11.37
CA THR B 286 4.97 7.83 -12.63
C THR B 286 5.57 6.42 -12.73
N ARG B 287 5.87 6.03 -13.97
CA ARG B 287 6.48 4.74 -14.28
C ARG B 287 7.53 5.04 -15.32
N ALA B 288 8.54 4.17 -15.46
CA ALA B 288 9.61 4.36 -16.43
C ALA B 288 9.07 4.23 -17.86
N VAL C 6 -12.99 -34.94 -11.34
CA VAL C 6 -12.54 -34.00 -12.41
C VAL C 6 -13.21 -32.64 -12.16
N PRO C 7 -12.42 -31.61 -11.87
CA PRO C 7 -12.96 -30.29 -11.58
C PRO C 7 -13.20 -29.45 -12.84
N VAL C 8 -14.00 -28.40 -12.66
CA VAL C 8 -14.41 -27.51 -13.74
C VAL C 8 -13.98 -26.07 -13.51
N ALA C 9 -13.50 -25.44 -14.58
CA ALA C 9 -13.06 -24.04 -14.54
C ALA C 9 -13.76 -23.20 -15.60
N LEU C 10 -14.24 -22.03 -15.19
CA LEU C 10 -14.85 -21.10 -16.12
C LEU C 10 -13.87 -19.94 -16.31
N VAL C 11 -13.45 -19.72 -17.56
CA VAL C 11 -12.50 -18.66 -17.88
C VAL C 11 -13.13 -17.68 -18.88
N THR C 12 -13.29 -16.42 -18.47
CA THR C 12 -13.85 -15.42 -19.37
C THR C 12 -12.76 -14.91 -20.29
N GLY C 13 -13.15 -14.50 -21.50
CA GLY C 13 -12.21 -14.02 -22.51
C GLY C 13 -11.10 -15.04 -22.74
N ALA C 14 -11.49 -16.30 -22.88
CA ALA C 14 -10.55 -17.42 -23.03
C ALA C 14 -9.98 -17.69 -24.41
N ALA C 15 -10.48 -16.98 -25.42
CA ALA C 15 -10.12 -17.27 -26.82
C ALA C 15 -8.65 -17.11 -27.20
N LYS C 16 -7.97 -16.11 -26.65
CA LYS C 16 -6.57 -15.90 -26.97
C LYS C 16 -5.72 -15.31 -25.84
N ARG C 17 -4.46 -15.01 -26.16
CA ARG C 17 -3.53 -14.35 -25.27
C ARG C 17 -3.51 -14.94 -23.85
N LEU C 18 -3.71 -14.12 -22.80
CA LEU C 18 -3.64 -14.65 -21.43
C LEU C 18 -4.80 -15.57 -21.04
N GLY C 19 -6.01 -15.26 -21.51
CA GLY C 19 -7.15 -16.11 -21.27
C GLY C 19 -6.95 -17.52 -21.81
N ARG C 20 -6.46 -17.63 -23.04
CA ARG C 20 -6.17 -18.94 -23.66
C ARG C 20 -5.09 -19.71 -22.90
N SER C 21 -4.06 -19.01 -22.44
CA SER C 21 -2.98 -19.63 -21.68
C SER C 21 -3.45 -20.13 -20.31
N ILE C 22 -4.35 -19.39 -19.68
CA ILE C 22 -4.92 -19.79 -18.40
C ILE C 22 -5.79 -21.05 -18.61
N ALA C 23 -6.58 -21.04 -19.68
CA ALA C 23 -7.44 -22.18 -20.02
C ALA C 23 -6.60 -23.42 -20.32
N GLU C 24 -5.52 -23.24 -21.06
CA GLU C 24 -4.59 -24.32 -21.38
C GLU C 24 -3.93 -24.86 -20.11
N GLY C 25 -3.45 -23.94 -19.26
CA GLY C 25 -2.79 -24.29 -18.01
C GLY C 25 -3.68 -25.09 -17.06
N LEU C 26 -4.92 -24.65 -16.93
CA LEU C 26 -5.90 -25.34 -16.09
C LEU C 26 -6.22 -26.72 -16.67
N HIS C 27 -6.42 -26.77 -17.99
CA HIS C 27 -6.71 -28.02 -18.69
C HIS C 27 -5.57 -29.04 -18.46
N ALA C 28 -4.33 -28.58 -18.54
CA ALA C 28 -3.16 -29.44 -18.32
C ALA C 28 -3.13 -30.03 -16.90
N GLU C 29 -3.77 -29.34 -15.96
CA GLU C 29 -3.83 -29.81 -14.57
C GLU C 29 -4.98 -30.79 -14.36
N GLY C 30 -5.79 -31.01 -15.40
CA GLY C 30 -6.90 -31.95 -15.33
C GLY C 30 -8.29 -31.35 -15.34
N TYR C 31 -8.37 -30.03 -15.33
CA TYR C 31 -9.65 -29.33 -15.33
C TYR C 31 -10.44 -29.45 -16.62
N ALA C 32 -11.76 -29.49 -16.50
CA ALA C 32 -12.66 -29.37 -17.64
C ALA C 32 -12.85 -27.85 -17.74
N VAL C 33 -12.80 -27.29 -18.94
CA VAL C 33 -12.87 -25.85 -19.07
C VAL C 33 -14.00 -25.27 -19.92
N CYS C 34 -14.71 -24.31 -19.34
CA CYS C 34 -15.73 -23.57 -20.08
C CYS C 34 -15.05 -22.30 -20.58
N LEU C 35 -14.92 -22.20 -21.90
CA LEU C 35 -14.25 -21.08 -22.55
C LEU C 35 -15.24 -20.01 -22.99
N HIS C 36 -15.29 -18.90 -22.26
CA HIS C 36 -16.19 -17.82 -22.65
C HIS C 36 -15.51 -16.96 -23.70
N TYR C 37 -16.32 -16.35 -24.56
CA TYR C 37 -15.84 -15.44 -25.59
C TYR C 37 -16.93 -14.41 -25.92
N HIS C 38 -16.51 -13.32 -26.56
CA HIS C 38 -17.45 -12.29 -26.98
C HIS C 38 -17.49 -12.26 -28.52
N ARG C 39 -16.39 -11.85 -29.13
CA ARG C 39 -16.30 -11.76 -30.59
C ARG C 39 -15.37 -12.80 -31.24
N SER C 40 -14.52 -13.45 -30.46
CA SER C 40 -13.56 -14.39 -31.02
C SER C 40 -14.10 -15.82 -31.12
N ALA C 41 -15.22 -15.98 -31.82
CA ALA C 41 -15.87 -17.29 -31.99
C ALA C 41 -14.94 -18.33 -32.62
N ALA C 42 -14.33 -17.98 -33.75
CA ALA C 42 -13.41 -18.89 -34.44
C ALA C 42 -12.26 -19.39 -33.57
N GLU C 43 -11.57 -18.47 -32.89
CA GLU C 43 -10.44 -18.79 -32.01
C GLU C 43 -10.86 -19.60 -30.79
N ALA C 44 -12.03 -19.30 -30.24
CA ALA C 44 -12.56 -20.04 -29.09
C ALA C 44 -12.90 -21.49 -29.48
N ASN C 45 -13.60 -21.65 -30.60
CA ASN C 45 -13.96 -22.99 -31.09
C ASN C 45 -12.73 -23.84 -31.50
N ALA C 46 -11.69 -23.21 -32.05
CA ALA C 46 -10.46 -23.92 -32.42
C ALA C 46 -9.76 -24.42 -31.14
N LEU C 47 -9.77 -23.59 -30.10
CA LEU C 47 -9.16 -23.98 -28.83
C LEU C 47 -9.93 -25.12 -28.18
N SER C 48 -11.27 -25.05 -28.21
CA SER C 48 -12.13 -26.09 -27.67
C SER C 48 -11.88 -27.42 -28.37
N ALA C 49 -11.73 -27.38 -29.69
CA ALA C 49 -11.46 -28.56 -30.51
C ALA C 49 -10.14 -29.20 -30.08
N THR C 50 -9.12 -28.38 -29.87
CA THR C 50 -7.81 -28.88 -29.46
C THR C 50 -7.85 -29.58 -28.10
N LEU C 51 -8.54 -28.97 -27.14
CA LEU C 51 -8.66 -29.53 -25.80
C LEU C 51 -9.53 -30.79 -25.78
N ASN C 52 -10.61 -30.78 -26.55
CA ASN C 52 -11.50 -31.93 -26.65
C ASN C 52 -10.86 -33.12 -27.35
N ALA C 53 -9.94 -32.86 -28.27
CA ALA C 53 -9.23 -33.93 -28.98
C ALA C 53 -8.23 -34.60 -28.04
N ARG C 54 -7.60 -33.80 -27.18
CA ARG C 54 -6.63 -34.32 -26.22
C ARG C 54 -7.29 -35.07 -25.06
N ARG C 55 -8.54 -34.72 -24.74
CA ARG C 55 -9.33 -35.34 -23.68
C ARG C 55 -10.81 -35.05 -23.98
N PRO C 56 -11.58 -36.08 -24.35
CA PRO C 56 -12.98 -35.90 -24.73
C PRO C 56 -13.88 -35.27 -23.67
N ASN C 57 -14.78 -34.40 -24.11
CA ASN C 57 -15.72 -33.69 -23.22
C ASN C 57 -15.02 -32.92 -22.07
N SER C 58 -13.92 -32.25 -22.42
CA SER C 58 -13.14 -31.47 -21.46
C SER C 58 -13.16 -29.96 -21.74
N ALA C 59 -13.94 -29.54 -22.73
CA ALA C 59 -14.06 -28.14 -23.10
C ALA C 59 -15.37 -27.82 -23.79
N ILE C 60 -15.94 -26.65 -23.47
CA ILE C 60 -17.14 -26.13 -24.12
C ILE C 60 -16.93 -24.63 -24.37
N THR C 61 -17.75 -24.03 -25.23
CA THR C 61 -17.65 -22.59 -25.47
C THR C 61 -19.01 -21.95 -25.26
N VAL C 62 -19.01 -20.75 -24.71
CA VAL C 62 -20.24 -19.99 -24.46
C VAL C 62 -19.95 -18.53 -24.78
N GLN C 63 -20.94 -17.87 -25.39
CA GLN C 63 -20.81 -16.48 -25.81
C GLN C 63 -21.60 -15.52 -24.94
N ALA C 64 -20.99 -14.38 -24.65
CA ALA C 64 -21.66 -13.31 -23.89
C ALA C 64 -20.92 -11.98 -23.98
N ASP C 65 -21.71 -10.92 -24.12
CA ASP C 65 -21.21 -9.55 -24.07
C ASP C 65 -21.26 -9.27 -22.59
N LEU C 66 -20.11 -8.92 -22.00
CA LEU C 66 -20.02 -8.66 -20.56
C LEU C 66 -20.11 -7.18 -20.20
N SER C 67 -20.45 -6.37 -21.19
CA SER C 67 -20.63 -4.95 -20.99
C SER C 67 -21.89 -4.75 -20.14
N ASN C 68 -21.94 -3.69 -19.34
CA ASN C 68 -23.10 -3.44 -18.49
C ASN C 68 -24.30 -2.86 -19.25
N VAL C 69 -24.82 -3.63 -20.20
CA VAL C 69 -25.98 -3.25 -21.02
C VAL C 69 -26.94 -4.42 -21.19
N ALA C 70 -28.14 -4.12 -21.68
CA ALA C 70 -29.10 -5.19 -21.95
C ALA C 70 -28.94 -5.66 -23.38
N THR C 71 -29.17 -6.94 -23.61
CA THR C 71 -29.13 -7.49 -24.97
C THR C 71 -30.52 -8.01 -25.33
N ALA C 72 -30.74 -8.31 -26.60
CA ALA C 72 -32.03 -8.84 -27.03
C ALA C 72 -32.06 -10.37 -26.87
N PRO C 73 -33.23 -10.91 -26.56
CA PRO C 73 -33.39 -12.38 -26.39
C PRO C 73 -33.17 -13.17 -27.69
N ALA C 81 -38.64 -9.07 -24.02
CA ALA C 81 -37.93 -8.80 -22.77
C ALA C 81 -36.39 -8.84 -22.93
N PRO C 82 -35.74 -7.67 -22.82
CA PRO C 82 -34.28 -7.58 -22.96
C PRO C 82 -33.57 -8.29 -21.81
N VAL C 83 -32.41 -8.87 -22.09
CA VAL C 83 -31.65 -9.62 -21.11
C VAL C 83 -30.58 -8.75 -20.43
N THR C 84 -30.63 -8.69 -19.09
CA THR C 84 -29.68 -7.91 -18.30
C THR C 84 -28.33 -8.59 -18.20
N LEU C 85 -27.30 -7.83 -17.80
CA LEU C 85 -25.95 -8.36 -17.63
C LEU C 85 -25.94 -9.47 -16.58
N PHE C 86 -26.64 -9.28 -15.47
CA PHE C 86 -26.69 -10.27 -14.39
C PHE C 86 -27.17 -11.64 -14.89
N THR C 87 -28.26 -11.65 -15.65
CA THR C 87 -28.83 -12.87 -16.21
C THR C 87 -27.81 -13.59 -17.09
N ARG C 88 -27.11 -12.83 -17.94
CA ARG C 88 -26.07 -13.39 -18.81
C ARG C 88 -24.93 -13.99 -18.00
N CYS C 89 -24.59 -13.33 -16.89
CA CYS C 89 -23.54 -13.81 -16.00
C CYS C 89 -23.96 -15.10 -15.31
N ALA C 90 -25.20 -15.12 -14.78
CA ALA C 90 -25.73 -16.32 -14.13
C ALA C 90 -25.83 -17.47 -15.12
N GLU C 91 -26.13 -17.16 -16.38
CA GLU C 91 -26.22 -18.16 -17.44
C GLU C 91 -24.85 -18.79 -17.74
N LEU C 92 -23.77 -18.01 -17.59
CA LEU C 92 -22.42 -18.50 -17.81
C LEU C 92 -22.07 -19.57 -16.79
N VAL C 93 -22.39 -19.29 -15.53
CA VAL C 93 -22.12 -20.21 -14.44
C VAL C 93 -23.02 -21.43 -14.59
N ALA C 94 -24.30 -21.19 -14.91
CA ALA C 94 -25.28 -22.26 -15.11
C ALA C 94 -24.87 -23.21 -16.22
N ALA C 95 -24.18 -22.71 -17.25
CA ALA C 95 -23.72 -23.54 -18.37
C ALA C 95 -22.77 -24.65 -17.90
N CYS C 96 -21.96 -24.33 -16.89
CA CYS C 96 -21.01 -25.27 -16.29
C CYS C 96 -21.75 -26.34 -15.49
N TYR C 97 -22.78 -25.94 -14.76
CA TYR C 97 -23.55 -26.88 -13.95
C TYR C 97 -24.44 -27.77 -14.83
N THR C 98 -25.02 -27.21 -15.88
CA THR C 98 -25.85 -27.96 -16.82
C THR C 98 -25.07 -29.04 -17.56
N HIS C 99 -23.83 -28.73 -17.96
CA HIS C 99 -23.02 -29.65 -18.72
C HIS C 99 -22.19 -30.64 -17.91
N TRP C 100 -21.59 -30.16 -16.82
CA TRP C 100 -20.71 -30.99 -16.00
C TRP C 100 -21.17 -31.19 -14.55
N GLY C 101 -22.19 -30.45 -14.14
CA GLY C 101 -22.70 -30.56 -12.78
C GLY C 101 -21.86 -29.87 -11.70
N ARG C 102 -20.93 -29.00 -12.12
CA ARG C 102 -20.08 -28.29 -11.17
C ARG C 102 -19.33 -27.08 -11.74
N CYS C 103 -18.80 -26.26 -10.84
CA CYS C 103 -17.96 -25.11 -11.17
C CYS C 103 -17.08 -24.82 -9.97
N ASP C 104 -15.81 -25.24 -10.05
CA ASP C 104 -14.86 -25.12 -8.96
C ASP C 104 -14.00 -23.87 -9.04
N VAL C 105 -13.70 -23.45 -10.26
CA VAL C 105 -12.84 -22.31 -10.49
C VAL C 105 -13.45 -21.29 -11.45
N LEU C 106 -13.35 -20.02 -11.07
CA LEU C 106 -13.78 -18.91 -11.90
C LEU C 106 -12.58 -17.98 -12.07
N VAL C 107 -12.24 -17.69 -13.32
CA VAL C 107 -11.17 -16.74 -13.64
C VAL C 107 -11.79 -15.56 -14.40
N ASN C 108 -11.87 -14.42 -13.74
CA ASN C 108 -12.36 -13.20 -14.40
C ASN C 108 -11.20 -12.57 -15.17
N ASN C 109 -11.10 -12.91 -16.46
CA ASN C 109 -10.00 -12.45 -17.31
C ASN C 109 -10.43 -11.46 -18.41
N ALA C 110 -11.66 -11.62 -18.92
CA ALA C 110 -12.17 -10.76 -19.98
C ALA C 110 -12.04 -9.28 -19.59
N SER C 111 -11.63 -8.45 -20.53
CA SER C 111 -11.38 -7.05 -20.23
C SER C 111 -11.26 -6.15 -21.47
N SER C 112 -12.01 -5.05 -21.51
CA SER C 112 -11.84 -4.07 -22.59
C SER C 112 -10.81 -3.03 -22.11
N PHE C 113 -10.05 -2.47 -23.06
CA PHE C 113 -8.96 -1.56 -22.75
C PHE C 113 -8.73 -0.57 -23.90
N TYR C 114 -9.15 0.68 -23.67
CA TYR C 114 -8.97 1.76 -24.63
C TYR C 114 -9.10 3.11 -23.89
N PRO C 115 -8.61 4.19 -24.52
CA PRO C 115 -8.59 5.51 -23.87
C PRO C 115 -9.95 6.15 -23.59
N THR C 116 -10.03 6.86 -22.46
CA THR C 116 -11.18 7.70 -22.10
C THR C 116 -10.55 8.99 -21.57
N PRO C 117 -10.01 9.82 -22.45
CA PRO C 117 -9.31 11.05 -22.04
C PRO C 117 -10.21 12.00 -21.26
N LEU C 118 -9.62 12.72 -20.31
CA LEU C 118 -10.36 13.71 -19.54
C LEU C 118 -10.36 15.05 -20.27
N LEU C 119 -9.38 15.25 -21.16
CA LEU C 119 -9.25 16.49 -21.93
C LEU C 119 -9.37 16.25 -23.44
N GLU C 134 -22.52 9.84 -26.29
CA GLU C 134 -23.11 8.60 -26.81
C GLU C 134 -22.06 7.49 -26.94
N ALA C 135 -20.87 7.85 -27.37
CA ALA C 135 -19.76 6.91 -27.51
C ALA C 135 -19.05 6.76 -26.16
N MET C 136 -19.29 7.73 -25.29
CA MET C 136 -18.77 7.75 -23.93
C MET C 136 -19.69 6.91 -23.02
N GLU C 137 -20.94 6.73 -23.46
CA GLU C 137 -21.92 5.93 -22.74
C GLU C 137 -21.61 4.45 -22.89
N THR C 138 -21.32 4.01 -24.12
CA THR C 138 -20.98 2.61 -24.35
C THR C 138 -19.58 2.27 -23.84
N ALA C 139 -18.69 3.26 -23.80
CA ALA C 139 -17.33 3.07 -23.27
C ALA C 139 -17.41 2.80 -21.78
N THR C 140 -18.18 3.62 -21.07
CA THR C 140 -18.40 3.50 -19.62
C THR C 140 -18.97 2.12 -19.28
N ALA C 141 -20.03 1.73 -19.97
CA ALA C 141 -20.69 0.46 -19.70
C ALA C 141 -19.79 -0.73 -20.09
N ASP C 142 -18.98 -0.57 -21.14
CA ASP C 142 -18.11 -1.62 -21.64
C ASP C 142 -16.88 -1.84 -20.75
N LEU C 143 -16.16 -0.77 -20.44
CA LEU C 143 -14.98 -0.86 -19.60
C LEU C 143 -15.35 -1.24 -18.17
N PHE C 144 -16.41 -0.65 -17.65
CA PHE C 144 -16.84 -0.99 -16.30
C PHE C 144 -17.44 -2.38 -16.16
N GLY C 145 -18.22 -2.77 -17.17
CA GLY C 145 -18.88 -4.08 -17.18
C GLY C 145 -17.90 -5.24 -17.24
N SER C 146 -17.05 -5.25 -18.26
CA SER C 146 -16.08 -6.33 -18.45
C SER C 146 -15.08 -6.45 -17.29
N ASN C 147 -14.53 -5.31 -16.86
CA ASN C 147 -13.52 -5.27 -15.79
C ASN C 147 -14.02 -5.35 -14.35
N ALA C 148 -15.25 -4.92 -14.08
CA ALA C 148 -15.75 -4.87 -12.71
C ALA C 148 -17.16 -5.40 -12.42
N ILE C 149 -18.16 -4.88 -13.12
CA ILE C 149 -19.56 -5.29 -12.89
C ILE C 149 -19.85 -6.75 -13.24
N ALA C 150 -19.40 -7.20 -14.41
CA ALA C 150 -19.60 -8.60 -14.78
C ALA C 150 -18.93 -9.54 -13.77
N PRO C 151 -17.66 -9.30 -13.41
CA PRO C 151 -16.99 -10.10 -12.38
C PRO C 151 -17.79 -10.16 -11.08
N TYR C 152 -18.39 -9.04 -10.66
CA TYR C 152 -19.21 -9.02 -9.46
C TYR C 152 -20.38 -10.01 -9.59
N PHE C 153 -21.18 -9.87 -10.65
CA PHE C 153 -22.31 -10.76 -10.90
C PHE C 153 -21.88 -12.23 -11.07
N LEU C 154 -20.76 -12.47 -11.74
CA LEU C 154 -20.24 -13.81 -11.93
C LEU C 154 -19.88 -14.43 -10.59
N ILE C 155 -19.22 -13.66 -9.74
CA ILE C 155 -18.85 -14.13 -8.40
C ILE C 155 -20.11 -14.44 -7.60
N LYS C 156 -21.08 -13.53 -7.68
CA LYS C 156 -22.35 -13.71 -6.99
C LYS C 156 -23.04 -15.01 -7.42
N ALA C 157 -23.11 -15.25 -8.73
CA ALA C 157 -23.74 -16.46 -9.26
C ALA C 157 -22.96 -17.72 -8.85
N PHE C 158 -21.63 -17.64 -8.92
CA PHE C 158 -20.72 -18.72 -8.54
C PHE C 158 -20.94 -19.10 -7.07
N ALA C 159 -20.98 -18.09 -6.21
CA ALA C 159 -21.17 -18.29 -4.77
C ALA C 159 -22.52 -18.91 -4.43
N HIS C 160 -23.57 -18.48 -5.13
CA HIS C 160 -24.92 -18.98 -4.90
C HIS C 160 -25.03 -20.48 -5.19
N ARG C 161 -24.37 -20.91 -6.27
CA ARG C 161 -24.37 -22.32 -6.67
C ARG C 161 -23.65 -23.20 -5.64
N VAL C 162 -22.61 -22.66 -5.01
CA VAL C 162 -21.89 -23.37 -3.95
C VAL C 162 -22.77 -23.46 -2.70
N ALA C 163 -23.41 -22.35 -2.34
CA ALA C 163 -24.27 -22.30 -1.16
C ALA C 163 -25.48 -23.23 -1.28
N GLY C 164 -26.03 -23.33 -2.49
CA GLY C 164 -27.18 -24.16 -2.76
C GLY C 164 -26.86 -25.65 -2.85
N THR C 165 -25.57 -25.97 -2.83
CA THR C 165 -25.09 -27.35 -2.87
C THR C 165 -24.95 -27.86 -1.44
N PRO C 166 -25.52 -29.04 -1.13
CA PRO C 166 -25.39 -29.63 0.21
C PRO C 166 -23.91 -29.84 0.56
N ALA C 167 -23.53 -29.53 1.80
CA ALA C 167 -22.14 -29.60 2.25
C ALA C 167 -21.38 -30.88 1.86
N LYS C 168 -22.05 -32.02 1.85
CA LYS C 168 -21.40 -33.30 1.55
C LYS C 168 -21.00 -33.49 0.09
N HIS C 169 -21.67 -32.75 -0.81
CA HIS C 169 -21.42 -32.84 -2.25
C HIS C 169 -20.49 -31.75 -2.79
N ARG C 170 -20.19 -30.74 -1.96
CA ARG C 170 -19.35 -29.62 -2.36
C ARG C 170 -17.91 -30.01 -2.71
N GLY C 171 -17.31 -29.27 -3.64
CA GLY C 171 -15.92 -29.49 -4.01
C GLY C 171 -15.01 -29.13 -2.84
N THR C 172 -13.74 -29.51 -2.91
CA THR C 172 -12.83 -29.24 -1.80
C THR C 172 -11.77 -28.17 -2.11
N ASN C 173 -11.90 -27.50 -3.25
CA ASN C 173 -10.93 -26.50 -3.67
C ASN C 173 -11.53 -25.39 -4.57
N TYR C 174 -12.39 -24.57 -3.98
CA TYR C 174 -13.01 -23.46 -4.71
C TYR C 174 -12.05 -22.29 -4.82
N SER C 175 -11.88 -21.78 -6.03
CA SER C 175 -10.95 -20.67 -6.27
C SER C 175 -11.40 -19.68 -7.36
N ILE C 176 -11.43 -18.40 -7.01
CA ILE C 176 -11.75 -17.32 -7.94
C ILE C 176 -10.54 -16.41 -8.13
N ILE C 177 -10.14 -16.20 -9.38
CA ILE C 177 -9.01 -15.36 -9.72
C ILE C 177 -9.48 -14.17 -10.57
N ASN C 178 -9.14 -12.97 -10.10
CA ASN C 178 -9.47 -11.75 -10.81
C ASN C 178 -8.19 -11.22 -11.45
N MET C 179 -8.24 -11.00 -12.76
CA MET C 179 -7.06 -10.47 -13.45
C MET C 179 -7.04 -8.98 -13.25
N VAL C 180 -6.07 -8.51 -12.46
CA VAL C 180 -5.92 -7.09 -12.18
C VAL C 180 -4.76 -6.52 -12.99
N ASP C 181 -4.18 -5.40 -12.54
CA ASP C 181 -3.10 -4.71 -13.25
C ASP C 181 -2.07 -4.24 -12.24
N ALA C 182 -0.83 -4.68 -12.38
CA ALA C 182 0.23 -4.28 -11.47
C ALA C 182 0.57 -2.79 -11.57
N MET C 183 0.24 -2.18 -12.71
CA MET C 183 0.59 -0.78 -12.98
C MET C 183 -0.47 0.30 -12.77
N THR C 184 -1.69 -0.07 -12.36
CA THR C 184 -2.75 0.95 -12.19
C THR C 184 -2.50 2.03 -11.15
N ASN C 185 -1.64 1.74 -10.18
CA ASN C 185 -1.27 2.74 -9.17
C ASN C 185 -0.32 3.80 -9.74
N GLN C 186 0.19 3.53 -10.93
CA GLN C 186 0.98 4.47 -11.71
C GLN C 186 0.20 4.58 -13.04
N PRO C 187 -0.93 5.30 -13.00
CA PRO C 187 -1.89 5.31 -14.12
C PRO C 187 -1.33 5.61 -15.49
N LEU C 188 -1.83 4.90 -16.48
CA LEU C 188 -1.46 5.14 -17.87
C LEU C 188 -2.26 6.37 -18.27
N LEU C 189 -1.58 7.33 -18.88
CA LEU C 189 -2.20 8.59 -19.28
C LEU C 189 -3.37 8.41 -20.26
N GLY C 190 -4.56 8.87 -19.83
CA GLY C 190 -5.75 8.83 -20.67
C GLY C 190 -6.66 7.62 -20.53
N TYR C 191 -6.38 6.73 -19.57
CA TYR C 191 -7.16 5.51 -19.41
C TYR C 191 -7.95 5.47 -18.11
N THR C 192 -8.46 6.63 -17.70
CA THR C 192 -9.19 6.77 -16.44
C THR C 192 -10.26 5.71 -16.12
N ILE C 193 -11.21 5.45 -17.02
CA ILE C 193 -12.27 4.47 -16.75
C ILE C 193 -11.71 3.07 -16.55
N TYR C 194 -10.75 2.69 -17.39
CA TYR C 194 -10.10 1.38 -17.24
C TYR C 194 -9.42 1.28 -15.86
N THR C 195 -8.65 2.31 -15.51
CA THR C 195 -7.93 2.36 -14.24
C THR C 195 -8.89 2.31 -13.06
N MET C 196 -10.02 3.01 -13.19
CA MET C 196 -11.05 3.03 -12.16
C MET C 196 -11.65 1.64 -12.00
N ALA C 197 -11.96 1.01 -13.13
CA ALA C 197 -12.56 -0.33 -13.13
C ALA C 197 -11.64 -1.38 -12.48
N LYS C 198 -10.34 -1.30 -12.75
CA LYS C 198 -9.38 -2.23 -12.14
C LYS C 198 -9.32 -2.01 -10.62
N GLY C 199 -9.43 -0.74 -10.21
CA GLY C 199 -9.49 -0.35 -8.82
C GLY C 199 -10.71 -0.99 -8.17
N ALA C 200 -11.85 -0.96 -8.87
CA ALA C 200 -13.07 -1.61 -8.39
C ALA C 200 -12.88 -3.12 -8.26
N LEU C 201 -12.18 -3.72 -9.24
CA LEU C 201 -11.89 -5.14 -9.22
C LEU C 201 -11.02 -5.56 -8.01
N GLU C 202 -10.10 -4.70 -7.58
CA GLU C 202 -9.30 -4.97 -6.39
C GLU C 202 -10.18 -4.98 -5.12
N GLY C 203 -11.13 -4.05 -5.06
CA GLY C 203 -12.07 -3.98 -3.95
C GLY C 203 -12.96 -5.22 -3.91
N LEU C 204 -13.33 -5.71 -5.09
CA LEU C 204 -14.16 -6.93 -5.20
C LEU C 204 -13.37 -8.12 -4.67
N THR C 205 -12.08 -8.16 -4.98
CA THR C 205 -11.20 -9.25 -4.53
C THR C 205 -11.19 -9.34 -3.01
N ARG C 206 -11.06 -8.20 -2.32
CA ARG C 206 -11.00 -8.17 -0.87
C ARG C 206 -12.36 -8.42 -0.22
N SER C 207 -13.38 -7.77 -0.76
CA SER C 207 -14.72 -7.92 -0.21
C SER C 207 -15.26 -9.33 -0.38
N ALA C 208 -15.08 -9.91 -1.56
CA ALA C 208 -15.51 -11.28 -1.83
C ALA C 208 -14.71 -12.30 -1.02
N ALA C 209 -13.40 -12.12 -0.92
CA ALA C 209 -12.57 -13.02 -0.12
C ALA C 209 -13.07 -13.10 1.33
N LEU C 210 -13.40 -11.95 1.92
CA LEU C 210 -13.89 -11.90 3.29
C LEU C 210 -15.27 -12.53 3.45
N GLU C 211 -16.21 -12.22 2.56
CA GLU C 211 -17.59 -12.71 2.66
C GLU C 211 -17.76 -14.17 2.25
N LEU C 212 -16.89 -14.66 1.36
CA LEU C 212 -16.99 -16.03 0.88
C LEU C 212 -16.10 -17.01 1.63
N ALA C 213 -15.27 -16.49 2.54
CA ALA C 213 -14.40 -17.33 3.36
C ALA C 213 -15.14 -18.45 4.09
N PRO C 214 -16.32 -18.20 4.68
CA PRO C 214 -17.09 -19.26 5.36
C PRO C 214 -17.42 -20.46 4.45
N LEU C 215 -17.55 -20.24 3.15
CA LEU C 215 -17.83 -21.31 2.20
C LEU C 215 -16.52 -21.85 1.64
N GLN C 216 -15.41 -21.41 2.21
CA GLN C 216 -14.07 -21.82 1.79
C GLN C 216 -13.78 -21.49 0.33
N ILE C 217 -14.38 -20.42 -0.18
CA ILE C 217 -14.09 -19.96 -1.54
C ILE C 217 -13.00 -18.90 -1.44
N ARG C 218 -11.87 -19.16 -2.07
CA ARG C 218 -10.76 -18.22 -2.06
C ARG C 218 -10.90 -17.25 -3.23
N VAL C 219 -10.54 -16.00 -3.00
CA VAL C 219 -10.61 -14.97 -4.03
C VAL C 219 -9.32 -14.18 -4.04
N ASN C 220 -8.58 -14.32 -5.13
CA ASN C 220 -7.30 -13.63 -5.29
C ASN C 220 -7.16 -12.91 -6.62
N GLY C 221 -6.10 -12.13 -6.72
CA GLY C 221 -5.85 -11.38 -7.94
C GLY C 221 -4.45 -11.63 -8.47
N VAL C 222 -4.34 -11.58 -9.80
CA VAL C 222 -3.06 -11.69 -10.47
C VAL C 222 -2.96 -10.46 -11.34
N GLY C 223 -1.89 -9.69 -11.15
CA GLY C 223 -1.70 -8.45 -11.88
C GLY C 223 -0.47 -8.41 -12.76
N PRO C 224 -0.68 -8.59 -14.06
CA PRO C 224 0.43 -8.45 -15.02
C PRO C 224 0.88 -6.99 -15.12
N GLY C 225 2.09 -6.76 -15.66
CA GLY C 225 2.61 -5.44 -15.92
C GLY C 225 2.51 -5.26 -17.43
N LEU C 226 3.51 -5.80 -18.14
CA LEU C 226 3.50 -5.84 -19.60
C LEU C 226 3.63 -7.31 -20.01
N SER C 227 2.59 -7.80 -20.68
CA SER C 227 2.50 -9.18 -21.15
C SER C 227 2.03 -9.27 -22.60
N VAL C 228 2.68 -10.14 -23.36
CA VAL C 228 2.37 -10.45 -24.77
C VAL C 228 2.03 -9.23 -25.62
N LEU C 229 2.93 -8.25 -25.62
CA LEU C 229 2.77 -7.01 -26.36
C LEU C 229 2.62 -7.20 -27.88
N VAL C 230 1.63 -6.53 -28.44
CA VAL C 230 1.34 -6.52 -29.87
C VAL C 230 2.59 -6.58 -30.76
N GLY C 240 11.57 -0.26 -26.80
CA GLY C 240 10.74 0.89 -26.46
C GLY C 240 10.23 0.73 -25.05
N HIS C 241 8.94 0.41 -24.92
CA HIS C 241 8.32 0.15 -23.61
C HIS C 241 8.95 -1.10 -22.96
N ARG C 242 9.24 -2.10 -23.79
CA ARG C 242 9.87 -3.35 -23.37
C ARG C 242 11.15 -3.11 -22.58
N SER C 243 12.03 -2.25 -23.09
CA SER C 243 13.33 -1.97 -22.47
C SER C 243 13.23 -1.37 -21.06
N LYS C 244 12.03 -1.00 -20.66
CA LYS C 244 11.79 -0.39 -19.35
C LYS C 244 11.61 -1.38 -18.20
N VAL C 245 11.32 -2.64 -18.51
CA VAL C 245 11.12 -3.66 -17.48
C VAL C 245 12.45 -4.09 -16.89
N PRO C 246 12.64 -3.83 -15.59
CA PRO C 246 13.90 -4.16 -14.91
C PRO C 246 14.32 -5.60 -15.16
N LEU C 247 13.41 -6.56 -14.99
CA LEU C 247 13.75 -7.96 -15.18
C LEU C 247 13.63 -8.39 -16.63
N TYR C 248 14.77 -8.75 -17.21
CA TYR C 248 14.86 -9.21 -18.59
C TYR C 248 14.70 -8.12 -19.66
N GLN C 249 14.21 -6.93 -19.29
CA GLN C 249 14.02 -5.82 -20.25
C GLN C 249 13.08 -6.27 -21.37
N ARG C 250 12.03 -6.98 -20.99
CA ARG C 250 11.02 -7.41 -21.95
C ARG C 250 9.67 -7.65 -21.27
N ASP C 251 8.62 -7.67 -22.10
CA ASP C 251 7.29 -8.01 -21.64
C ASP C 251 7.29 -9.51 -21.39
N SER C 252 6.32 -9.97 -20.61
CA SER C 252 6.25 -11.39 -20.29
C SER C 252 5.56 -12.23 -21.37
N SER C 253 5.74 -13.54 -21.27
CA SER C 253 5.04 -14.48 -22.13
C SER C 253 3.70 -14.75 -21.44
N ALA C 254 2.74 -15.32 -22.17
CA ALA C 254 1.45 -15.64 -21.57
C ALA C 254 1.59 -16.66 -20.43
N ALA C 255 2.47 -17.65 -20.61
CA ALA C 255 2.71 -18.67 -19.59
C ALA C 255 3.27 -18.11 -18.27
N GLU C 256 4.16 -17.12 -18.38
CA GLU C 256 4.76 -16.47 -17.22
C GLU C 256 3.71 -15.84 -16.29
N VAL C 257 2.54 -15.55 -16.85
CA VAL C 257 1.41 -15.04 -16.08
C VAL C 257 0.47 -16.20 -15.69
N SER C 258 0.04 -17.00 -16.68
CA SER C 258 -0.89 -18.11 -16.43
C SER C 258 -0.40 -19.16 -15.42
N ASP C 259 0.90 -19.44 -15.38
CA ASP C 259 1.45 -20.37 -14.38
C ASP C 259 1.18 -19.89 -12.95
N VAL C 260 1.15 -18.58 -12.74
CA VAL C 260 0.89 -18.01 -11.42
C VAL C 260 -0.58 -18.25 -11.04
N VAL C 261 -1.49 -18.02 -12.01
CA VAL C 261 -2.92 -18.24 -11.84
C VAL C 261 -3.21 -19.72 -11.47
N ILE C 262 -2.56 -20.64 -12.18
CA ILE C 262 -2.74 -22.07 -11.94
C ILE C 262 -2.26 -22.43 -10.54
N PHE C 263 -1.11 -21.89 -10.14
CA PHE C 263 -0.60 -22.16 -8.80
C PHE C 263 -1.61 -21.71 -7.75
N LEU C 264 -2.15 -20.50 -7.91
CA LEU C 264 -3.12 -19.97 -6.95
C LEU C 264 -4.39 -20.81 -6.85
N CYS C 265 -4.72 -21.53 -7.92
CA CYS C 265 -5.90 -22.41 -7.91
C CYS C 265 -5.59 -23.78 -7.28
N SER C 266 -4.30 -24.13 -7.18
CA SER C 266 -3.89 -25.42 -6.59
C SER C 266 -4.14 -25.48 -5.09
N SER C 267 -4.27 -26.70 -4.57
CA SER C 267 -4.52 -26.89 -3.14
C SER C 267 -3.30 -26.50 -2.27
N LYS C 268 -2.13 -26.33 -2.88
CA LYS C 268 -0.96 -25.90 -2.14
C LYS C 268 -1.08 -24.42 -1.73
N ALA C 269 -1.92 -23.70 -2.46
CA ALA C 269 -2.17 -22.29 -2.20
C ALA C 269 -3.46 -22.08 -1.40
N LYS C 270 -3.89 -23.12 -0.66
CA LYS C 270 -5.17 -23.05 0.05
C LYS C 270 -5.31 -22.05 1.23
N TYR C 271 -4.21 -21.50 1.71
CA TYR C 271 -4.27 -20.53 2.80
C TYR C 271 -4.21 -19.09 2.27
N ILE C 272 -4.09 -18.93 0.96
CA ILE C 272 -4.02 -17.62 0.34
C ILE C 272 -5.42 -17.16 -0.10
N THR C 273 -5.81 -15.97 0.35
CA THR C 273 -7.07 -15.34 -0.04
C THR C 273 -7.06 -13.83 0.17
N GLY C 274 -7.73 -13.10 -0.72
CA GLY C 274 -7.82 -11.65 -0.64
C GLY C 274 -6.55 -10.90 -1.03
N THR C 275 -5.62 -11.57 -1.70
CA THR C 275 -4.35 -10.94 -2.05
C THR C 275 -4.15 -10.79 -3.55
N CYS C 276 -3.47 -9.71 -3.94
CA CYS C 276 -3.17 -9.46 -5.34
C CYS C 276 -1.68 -9.68 -5.58
N VAL C 277 -1.36 -10.62 -6.47
CA VAL C 277 0.02 -10.95 -6.80
C VAL C 277 0.48 -10.31 -8.11
N LYS C 278 1.50 -9.45 -8.03
CA LYS C 278 2.06 -8.80 -9.22
C LYS C 278 2.98 -9.76 -9.97
N VAL C 279 2.83 -9.79 -11.29
CA VAL C 279 3.67 -10.59 -12.18
C VAL C 279 4.10 -9.56 -13.22
N ASP C 280 5.07 -8.73 -12.82
CA ASP C 280 5.47 -7.57 -13.63
C ASP C 280 6.96 -7.34 -13.84
N GLY C 281 7.80 -8.28 -13.41
CA GLY C 281 9.24 -8.16 -13.59
C GLY C 281 9.86 -6.90 -12.99
N GLY C 282 9.21 -6.37 -11.95
CA GLY C 282 9.69 -5.17 -11.28
C GLY C 282 9.32 -3.85 -11.92
N TYR C 283 8.42 -3.86 -12.90
CA TYR C 283 8.00 -2.63 -13.58
C TYR C 283 7.39 -1.58 -12.63
N SER C 284 6.57 -2.00 -11.67
CA SER C 284 5.96 -1.07 -10.71
C SER C 284 6.95 -0.43 -9.73
N LEU C 285 8.19 -0.90 -9.73
CA LEU C 285 9.23 -0.35 -8.87
C LEU C 285 9.91 0.84 -9.55
N THR C 286 9.60 1.06 -10.83
CA THR C 286 10.21 2.17 -11.57
C THR C 286 9.52 3.52 -11.37
N ARG C 287 10.26 4.58 -11.68
CA ARG C 287 9.78 5.95 -11.62
C ARG C 287 10.20 6.60 -12.93
N ALA C 288 9.56 7.71 -13.31
CA ALA C 288 9.97 8.41 -14.53
C ALA C 288 11.35 9.05 -14.36
N THR D 5 -10.15 38.64 -5.36
CA THR D 5 -10.87 37.65 -6.22
C THR D 5 -11.59 36.63 -5.31
N VAL D 6 -12.89 36.42 -5.54
CA VAL D 6 -13.69 35.50 -4.71
C VAL D 6 -13.85 34.14 -5.40
N PRO D 7 -13.21 33.11 -4.85
CA PRO D 7 -13.25 31.77 -5.45
C PRO D 7 -14.57 31.04 -5.21
N VAL D 8 -14.84 30.03 -6.03
CA VAL D 8 -16.07 29.26 -5.98
C VAL D 8 -15.81 27.77 -5.74
N ALA D 9 -16.61 27.18 -4.86
CA ALA D 9 -16.53 25.77 -4.57
C ALA D 9 -17.85 25.06 -4.80
N LEU D 10 -17.78 23.89 -5.44
CA LEU D 10 -18.95 23.05 -5.68
C LEU D 10 -18.82 21.84 -4.76
N VAL D 11 -19.79 21.65 -3.86
CA VAL D 11 -19.79 20.55 -2.92
C VAL D 11 -21.04 19.69 -3.12
N THR D 12 -20.85 18.42 -3.48
CA THR D 12 -21.99 17.52 -3.66
C THR D 12 -22.45 16.97 -2.31
N GLY D 13 -23.74 16.67 -2.18
CA GLY D 13 -24.31 16.19 -0.93
C GLY D 13 -23.97 17.12 0.22
N ALA D 14 -24.11 18.42 -0.03
CA ALA D 14 -23.75 19.47 0.92
C ALA D 14 -24.79 19.80 2.01
N ALA D 15 -25.96 19.18 1.96
CA ALA D 15 -27.04 19.50 2.90
C ALA D 15 -26.78 19.22 4.38
N LYS D 16 -26.17 18.10 4.69
CA LYS D 16 -25.92 17.77 6.10
C LYS D 16 -24.58 17.09 6.35
N ARG D 17 -24.35 16.76 7.62
CA ARG D 17 -23.19 15.99 8.08
C ARG D 17 -21.83 16.48 7.56
N LEU D 18 -21.05 15.62 6.91
CA LEU D 18 -19.71 16.04 6.43
C LEU D 18 -19.77 17.08 5.31
N GLY D 19 -20.68 16.88 4.35
CA GLY D 19 -20.88 17.80 3.25
C GLY D 19 -21.19 19.22 3.72
N ARG D 20 -22.09 19.37 4.70
CA ARG D 20 -22.43 20.67 5.30
C ARG D 20 -21.20 21.32 5.94
N SER D 21 -20.45 20.52 6.68
CA SER D 21 -19.25 20.98 7.35
C SER D 21 -18.16 21.45 6.37
N ILE D 22 -18.05 20.76 5.23
CA ILE D 22 -17.08 21.10 4.20
C ILE D 22 -17.52 22.45 3.58
N ALA D 23 -18.81 22.56 3.27
CA ALA D 23 -19.37 23.80 2.71
C ALA D 23 -19.17 24.98 3.68
N GLU D 24 -19.40 24.75 4.97
CA GLU D 24 -19.24 25.78 6.00
C GLU D 24 -17.77 26.19 6.10
N GLY D 25 -16.88 25.20 6.15
CA GLY D 25 -15.45 25.43 6.25
C GLY D 25 -14.89 26.21 5.06
N LEU D 26 -15.36 25.90 3.85
CA LEU D 26 -14.90 26.60 2.66
C LEU D 26 -15.43 28.03 2.68
N HIS D 27 -16.71 28.17 3.05
CA HIS D 27 -17.35 29.47 3.14
C HIS D 27 -16.62 30.37 4.12
N ALA D 28 -16.20 29.82 5.26
CA ALA D 28 -15.46 30.58 6.27
C ALA D 28 -14.11 31.06 5.75
N GLU D 29 -13.57 30.39 4.73
CA GLU D 29 -12.30 30.78 4.13
C GLU D 29 -12.47 31.85 3.05
N GLY D 30 -13.73 32.17 2.73
CA GLY D 30 -14.05 33.19 1.75
C GLY D 30 -14.69 32.69 0.47
N TYR D 31 -14.81 31.38 0.33
CA TYR D 31 -15.40 30.79 -0.87
C TYR D 31 -16.89 31.06 -1.02
N ALA D 32 -17.33 31.19 -2.26
CA ALA D 32 -18.74 31.23 -2.61
C ALA D 32 -19.01 29.74 -2.83
N VAL D 33 -20.14 29.24 -2.34
CA VAL D 33 -20.40 27.79 -2.41
C VAL D 33 -21.69 27.35 -3.11
N CYS D 34 -21.56 26.41 -4.03
CA CYS D 34 -22.70 25.82 -4.70
C CYS D 34 -23.00 24.53 -3.94
N LEU D 35 -24.16 24.50 -3.27
CA LEU D 35 -24.55 23.38 -2.45
C LEU D 35 -25.44 22.40 -3.21
N HIS D 36 -24.87 21.29 -3.64
CA HIS D 36 -25.67 20.27 -4.32
C HIS D 36 -26.46 19.41 -3.30
N TYR D 37 -27.62 18.93 -3.73
CA TYR D 37 -28.44 18.05 -2.90
C TYR D 37 -29.28 17.13 -3.79
N HIS D 38 -29.78 16.06 -3.19
CA HIS D 38 -30.64 15.13 -3.91
C HIS D 38 -32.06 15.21 -3.33
N ARG D 39 -32.24 14.76 -2.08
CA ARG D 39 -33.56 14.80 -1.46
C ARG D 39 -33.64 15.78 -0.29
N SER D 40 -32.50 16.24 0.22
CA SER D 40 -32.53 17.14 1.38
C SER D 40 -32.72 18.62 1.02
N ALA D 41 -33.80 18.91 0.30
CA ALA D 41 -34.11 20.27 -0.15
C ALA D 41 -34.20 21.27 1.01
N ALA D 42 -35.00 20.94 2.01
CA ALA D 42 -35.21 21.82 3.15
C ALA D 42 -33.89 22.19 3.84
N GLU D 43 -33.08 21.18 4.15
CA GLU D 43 -31.79 21.40 4.82
C GLU D 43 -30.81 22.21 3.96
N ALA D 44 -30.74 21.88 2.67
CA ALA D 44 -29.86 22.61 1.75
C ALA D 44 -30.24 24.09 1.68
N ASN D 45 -31.53 24.39 1.54
CA ASN D 45 -32.02 25.76 1.48
C ASN D 45 -31.84 26.53 2.80
N ALA D 46 -31.96 25.84 3.94
CA ALA D 46 -31.72 26.49 5.23
C ALA D 46 -30.23 26.85 5.36
N LEU D 47 -29.35 25.96 4.89
CA LEU D 47 -27.92 26.22 4.92
C LEU D 47 -27.57 27.39 3.98
N SER D 48 -28.15 27.40 2.79
CA SER D 48 -27.93 28.50 1.83
C SER D 48 -28.36 29.85 2.41
N ALA D 49 -29.48 29.86 3.13
CA ALA D 49 -30.00 31.08 3.75
C ALA D 49 -29.03 31.60 4.80
N THR D 50 -28.48 30.68 5.60
CA THR D 50 -27.52 31.05 6.64
C THR D 50 -26.28 31.68 6.03
N LEU D 51 -25.74 31.05 4.98
CA LEU D 51 -24.51 31.55 4.36
C LEU D 51 -24.72 32.87 3.61
N ASN D 52 -25.88 32.99 2.96
CA ASN D 52 -26.23 34.21 2.25
C ASN D 52 -26.48 35.39 3.20
N ALA D 53 -27.00 35.12 4.39
CA ALA D 53 -27.24 36.17 5.39
C ALA D 53 -25.89 36.70 5.90
N ARG D 54 -24.92 35.81 6.04
CA ARG D 54 -23.58 36.15 6.54
C ARG D 54 -22.84 37.00 5.50
N ARG D 55 -23.01 36.62 4.25
CA ARG D 55 -22.34 37.24 3.12
C ARG D 55 -23.27 37.09 1.92
N PRO D 56 -23.84 38.19 1.44
CA PRO D 56 -24.78 38.15 0.32
C PRO D 56 -24.23 37.54 -0.97
N ASN D 57 -25.07 36.75 -1.65
CA ASN D 57 -24.70 36.07 -2.90
C ASN D 57 -23.44 35.19 -2.78
N SER D 58 -23.37 34.42 -1.69
CA SER D 58 -22.22 33.56 -1.43
C SER D 58 -22.60 32.08 -1.37
N ALA D 59 -23.85 31.77 -1.73
CA ALA D 59 -24.37 30.42 -1.72
C ALA D 59 -25.57 30.22 -2.65
N ILE D 60 -25.61 29.08 -3.33
CA ILE D 60 -26.74 28.69 -4.19
C ILE D 60 -26.96 27.20 -3.97
N THR D 61 -28.13 26.69 -4.36
CA THR D 61 -28.43 25.26 -4.25
C THR D 61 -28.85 24.70 -5.60
N VAL D 62 -28.39 23.49 -5.89
CA VAL D 62 -28.74 22.81 -7.13
C VAL D 62 -29.10 21.35 -6.82
N GLN D 63 -30.15 20.84 -7.47
CA GLN D 63 -30.63 19.49 -7.25
C GLN D 63 -30.24 18.54 -8.37
N ALA D 64 -29.84 17.33 -8.00
CA ALA D 64 -29.51 16.28 -8.96
C ALA D 64 -29.38 14.91 -8.35
N ASP D 65 -29.94 13.93 -9.05
CA ASP D 65 -29.79 12.53 -8.71
C ASP D 65 -28.48 12.16 -9.39
N LEU D 66 -27.51 11.71 -8.61
CA LEU D 66 -26.19 11.37 -9.13
C LEU D 66 -26.03 9.86 -9.40
N SER D 67 -27.13 9.13 -9.30
CA SER D 67 -27.13 7.71 -9.63
C SER D 67 -26.92 7.60 -11.14
N ASN D 68 -26.33 6.49 -11.59
CA ASN D 68 -26.05 6.29 -13.02
C ASN D 68 -27.27 5.84 -13.80
N VAL D 69 -28.28 6.71 -13.86
CA VAL D 69 -29.53 6.46 -14.59
C VAL D 69 -30.01 7.70 -15.34
N ALA D 70 -30.97 7.49 -16.24
CA ALA D 70 -31.61 8.54 -17.00
C ALA D 70 -32.82 9.05 -16.21
N THR D 71 -32.99 10.38 -16.15
CA THR D 71 -34.13 10.98 -15.47
C THR D 71 -35.06 11.63 -16.49
N ALA D 72 -36.14 12.25 -15.98
CA ALA D 72 -37.11 12.96 -16.82
C ALA D 72 -36.67 14.42 -17.03
N PRO D 73 -36.83 14.94 -18.25
CA PRO D 73 -36.50 16.34 -18.56
C PRO D 73 -37.11 17.36 -17.59
N PRO D 82 -34.97 11.80 -22.30
CA PRO D 82 -34.37 11.46 -21.00
C PRO D 82 -32.95 12.04 -20.83
N VAL D 83 -32.68 12.62 -19.66
CA VAL D 83 -31.41 13.26 -19.37
C VAL D 83 -30.42 12.27 -18.73
N THR D 84 -29.24 12.13 -19.34
CA THR D 84 -28.20 11.22 -18.85
C THR D 84 -27.48 11.79 -17.63
N LEU D 85 -26.79 10.93 -16.89
CA LEU D 85 -26.03 11.35 -15.73
C LEU D 85 -24.96 12.39 -16.10
N PHE D 86 -24.29 12.20 -17.24
CA PHE D 86 -23.25 13.13 -17.67
C PHE D 86 -23.75 14.57 -17.79
N THR D 87 -24.89 14.73 -18.47
CA THR D 87 -25.53 16.02 -18.70
C THR D 87 -25.86 16.69 -17.37
N ARG D 88 -26.41 15.91 -16.44
CA ARG D 88 -26.70 16.41 -15.11
C ARG D 88 -25.45 16.88 -14.38
N CYS D 89 -24.34 16.14 -14.55
CA CYS D 89 -23.07 16.50 -13.92
C CYS D 89 -22.50 17.77 -14.55
N ALA D 90 -22.54 17.86 -15.88
CA ALA D 90 -22.08 19.05 -16.61
C ALA D 90 -22.90 20.27 -16.24
N GLU D 91 -24.21 20.06 -15.99
CA GLU D 91 -25.11 21.13 -15.58
C GLU D 91 -24.78 21.67 -14.18
N LEU D 92 -24.30 20.79 -13.30
CA LEU D 92 -23.88 21.19 -11.95
C LEU D 92 -22.72 22.16 -12.03
N VAL D 93 -21.72 21.82 -12.86
CA VAL D 93 -20.54 22.66 -13.03
C VAL D 93 -20.95 23.94 -13.72
N ALA D 94 -21.79 23.82 -14.75
CA ALA D 94 -22.27 24.97 -15.51
C ALA D 94 -23.03 25.98 -14.65
N ALA D 95 -23.71 25.49 -13.61
CA ALA D 95 -24.46 26.35 -12.70
C ALA D 95 -23.55 27.33 -11.95
N CYS D 96 -22.32 26.89 -11.65
CA CYS D 96 -21.31 27.71 -10.98
C CYS D 96 -20.80 28.78 -11.92
N TYR D 97 -20.60 28.41 -13.19
CA TYR D 97 -20.12 29.35 -14.20
C TYR D 97 -21.18 30.38 -14.58
N THR D 98 -22.43 29.93 -14.69
CA THR D 98 -23.56 30.80 -15.02
C THR D 98 -23.80 31.87 -13.96
N HIS D 99 -23.66 31.48 -12.68
CA HIS D 99 -23.93 32.39 -11.58
C HIS D 99 -22.76 33.24 -11.11
N TRP D 100 -21.57 32.64 -11.06
CA TRP D 100 -20.39 33.34 -10.56
C TRP D 100 -19.25 33.48 -11.58
N GLY D 101 -19.36 32.81 -12.72
CA GLY D 101 -18.34 32.88 -13.75
C GLY D 101 -17.09 32.06 -13.47
N ARG D 102 -17.16 31.14 -12.52
CA ARG D 102 -16.01 30.32 -12.16
C ARG D 102 -16.33 29.12 -11.26
N CYS D 103 -15.37 28.18 -11.20
CA CYS D 103 -15.42 27.00 -10.34
C CYS D 103 -13.99 26.57 -10.05
N ASP D 104 -13.51 26.91 -8.85
CA ASP D 104 -12.12 26.65 -8.45
C ASP D 104 -11.94 25.34 -7.70
N VAL D 105 -12.95 24.97 -6.93
CA VAL D 105 -12.89 23.79 -6.10
C VAL D 105 -14.11 22.89 -6.31
N LEU D 106 -13.83 21.59 -6.46
CA LEU D 106 -14.88 20.56 -6.55
C LEU D 106 -14.63 19.57 -5.44
N VAL D 107 -15.64 19.32 -4.60
CA VAL D 107 -15.56 18.30 -3.56
C VAL D 107 -16.61 17.22 -3.84
N ASN D 108 -16.15 16.04 -4.27
CA ASN D 108 -17.05 14.92 -4.50
C ASN D 108 -17.34 14.23 -3.17
N ASN D 109 -18.42 14.64 -2.52
CA ASN D 109 -18.79 14.14 -1.19
C ASN D 109 -20.04 13.26 -1.17
N ALA D 110 -21.01 13.56 -2.02
CA ALA D 110 -22.25 12.78 -2.09
C ALA D 110 -21.95 11.30 -2.23
N SER D 111 -22.71 10.46 -1.51
CA SER D 111 -22.45 9.03 -1.49
C SER D 111 -23.60 8.20 -0.88
N SER D 112 -24.07 7.18 -1.60
CA SER D 112 -25.05 6.26 -1.03
C SER D 112 -24.28 5.13 -0.35
N PHE D 113 -24.88 4.54 0.68
CA PHE D 113 -24.21 3.51 1.46
C PHE D 113 -25.26 2.59 2.09
N TYR D 114 -25.33 1.37 1.57
CA TYR D 114 -26.21 0.33 2.11
C TYR D 114 -25.71 -1.05 1.62
N PRO D 115 -26.15 -2.13 2.28
CA PRO D 115 -25.69 -3.48 1.95
C PRO D 115 -26.05 -4.02 0.58
N THR D 116 -25.11 -4.77 -0.01
CA THR D 116 -25.34 -5.54 -1.24
C THR D 116 -24.73 -6.91 -0.99
N PRO D 117 -25.38 -7.75 -0.18
CA PRO D 117 -24.82 -9.06 0.20
C PRO D 117 -24.58 -9.98 -0.99
N LEU D 118 -23.50 -10.76 -0.95
CA LEU D 118 -23.17 -11.74 -2.01
C LEU D 118 -23.86 -13.07 -1.74
N LEU D 119 -24.37 -13.25 -0.51
CA LEU D 119 -25.07 -14.46 -0.08
C LEU D 119 -26.32 -14.13 0.74
N ARG D 120 -27.45 -14.73 0.34
CA ARG D 120 -28.72 -14.57 1.05
C ARG D 120 -28.70 -15.41 2.33
N ARG D 133 -33.19 -8.95 -10.62
CA ARG D 133 -33.97 -8.10 -9.72
C ARG D 133 -33.74 -6.60 -9.98
N GLU D 134 -34.81 -5.82 -9.84
CA GLU D 134 -34.76 -4.38 -10.07
C GLU D 134 -34.09 -3.61 -8.93
N ALA D 135 -34.25 -4.08 -7.69
CA ALA D 135 -33.67 -3.47 -6.50
C ALA D 135 -32.14 -3.50 -6.50
N MET D 136 -31.61 -4.56 -7.12
CA MET D 136 -30.17 -4.77 -7.26
C MET D 136 -29.61 -3.97 -8.46
N GLU D 137 -30.46 -3.71 -9.45
CA GLU D 137 -30.08 -2.92 -10.60
C GLU D 137 -30.03 -1.44 -10.25
N THR D 138 -30.98 -0.98 -9.42
CA THR D 138 -30.97 0.41 -8.95
C THR D 138 -29.91 0.59 -7.87
N ALA D 139 -29.60 -0.47 -7.14
CA ALA D 139 -28.54 -0.42 -6.12
C ALA D 139 -27.19 -0.20 -6.79
N THR D 140 -26.91 -1.00 -7.82
CA THR D 140 -25.69 -0.93 -8.63
C THR D 140 -25.49 0.46 -9.22
N ALA D 141 -26.54 0.97 -9.87
CA ALA D 141 -26.49 2.29 -10.51
C ALA D 141 -26.36 3.42 -9.50
N ASP D 142 -27.01 3.25 -8.35
CA ASP D 142 -26.99 4.25 -7.28
C ASP D 142 -25.66 4.33 -6.53
N LEU D 143 -25.19 3.18 -6.06
CA LEU D 143 -23.94 3.11 -5.33
C LEU D 143 -22.74 3.41 -6.22
N PHE D 144 -22.75 2.93 -7.45
CA PHE D 144 -21.65 3.22 -8.38
C PHE D 144 -21.68 4.64 -8.91
N GLY D 145 -22.87 5.16 -9.20
CA GLY D 145 -23.04 6.50 -9.73
C GLY D 145 -22.60 7.56 -8.76
N SER D 146 -23.15 7.55 -7.54
CA SER D 146 -22.84 8.57 -6.54
C SER D 146 -21.36 8.56 -6.11
N ASN D 147 -20.85 7.37 -5.82
CA ASN D 147 -19.48 7.18 -5.35
C ASN D 147 -18.36 7.21 -6.41
N ALA D 148 -18.67 6.91 -7.68
CA ALA D 148 -17.61 6.80 -8.70
C ALA D 148 -17.89 7.42 -10.08
N ILE D 149 -18.99 7.00 -10.72
CA ILE D 149 -19.33 7.52 -12.05
C ILE D 149 -19.61 9.02 -12.09
N ALA D 150 -20.48 9.49 -11.19
CA ALA D 150 -20.78 10.94 -11.12
C ALA D 150 -19.50 11.77 -10.90
N PRO D 151 -18.65 11.39 -9.91
CA PRO D 151 -17.38 12.08 -9.70
C PRO D 151 -16.53 12.13 -10.97
N TYR D 152 -16.51 11.05 -11.75
CA TYR D 152 -15.76 11.03 -13.01
C TYR D 152 -16.29 12.12 -13.95
N PHE D 153 -17.59 12.09 -14.22
CA PHE D 153 -18.21 13.09 -15.11
C PHE D 153 -18.05 14.51 -14.58
N LEU D 154 -18.18 14.68 -13.27
CA LEU D 154 -18.01 15.99 -12.64
C LEU D 154 -16.58 16.50 -12.84
N ILE D 155 -15.60 15.62 -12.65
CA ILE D 155 -14.19 16.00 -12.84
C ILE D 155 -13.96 16.36 -14.31
N LYS D 156 -14.51 15.54 -15.20
CA LYS D 156 -14.41 15.78 -16.64
C LYS D 156 -14.97 17.16 -17.02
N ALA D 157 -16.17 17.47 -16.52
CA ALA D 157 -16.81 18.77 -16.80
C ALA D 157 -16.00 19.94 -16.19
N PHE D 158 -15.55 19.76 -14.96
CA PHE D 158 -14.72 20.75 -14.27
C PHE D 158 -13.44 21.05 -15.06
N ALA D 159 -12.79 20.00 -15.56
CA ALA D 159 -11.54 20.13 -16.31
C ALA D 159 -11.69 20.83 -17.66
N HIS D 160 -12.75 20.52 -18.39
CA HIS D 160 -13.03 21.14 -19.69
C HIS D 160 -13.21 22.66 -19.57
N ARG D 161 -13.96 23.08 -18.55
CA ARG D 161 -14.20 24.50 -18.30
C ARG D 161 -12.89 25.24 -18.05
N VAL D 162 -11.97 24.62 -17.30
CA VAL D 162 -10.64 25.19 -17.04
C VAL D 162 -9.85 25.25 -18.35
N ALA D 163 -9.87 24.17 -19.13
CA ALA D 163 -9.17 24.13 -20.42
C ALA D 163 -9.70 25.16 -21.43
N GLY D 164 -11.01 25.40 -21.40
CA GLY D 164 -11.67 26.35 -22.31
C GLY D 164 -11.50 27.80 -21.90
N THR D 165 -10.91 28.02 -20.73
CA THR D 165 -10.63 29.35 -20.21
C THR D 165 -9.23 29.76 -20.66
N PRO D 166 -9.09 30.94 -21.26
CA PRO D 166 -7.76 31.45 -21.66
C PRO D 166 -6.83 31.53 -20.45
N ALA D 167 -5.58 31.09 -20.63
CA ALA D 167 -4.57 31.04 -19.56
C ALA D 167 -4.46 32.27 -18.65
N LYS D 168 -4.54 33.46 -19.22
CA LYS D 168 -4.43 34.70 -18.43
C LYS D 168 -5.64 34.93 -17.50
N HIS D 169 -6.77 34.30 -17.81
CA HIS D 169 -8.01 34.44 -17.01
C HIS D 169 -8.29 33.29 -16.03
N ARG D 170 -7.42 32.28 -15.96
CA ARG D 170 -7.61 31.12 -15.09
C ARG D 170 -7.32 31.42 -13.61
N GLY D 171 -7.97 30.69 -12.71
CA GLY D 171 -7.73 30.80 -11.29
C GLY D 171 -6.32 30.30 -10.97
N THR D 172 -5.82 30.59 -9.77
CA THR D 172 -4.46 30.19 -9.41
C THR D 172 -4.39 29.08 -8.39
N ASN D 173 -5.54 28.47 -8.06
CA ASN D 173 -5.59 27.41 -7.05
C ASN D 173 -6.74 26.42 -7.26
N TYR D 174 -6.64 25.63 -8.33
CA TYR D 174 -7.66 24.62 -8.64
C TYR D 174 -7.47 23.36 -7.78
N SER D 175 -8.52 22.90 -7.13
CA SER D 175 -8.42 21.73 -6.28
C SER D 175 -9.69 20.86 -6.29
N ILE D 176 -9.50 19.56 -6.48
CA ILE D 176 -10.59 18.57 -6.45
C ILE D 176 -10.32 17.58 -5.32
N ILE D 177 -11.32 17.41 -4.45
CA ILE D 177 -11.21 16.50 -3.31
C ILE D 177 -12.29 15.42 -3.42
N ASN D 178 -11.84 14.17 -3.39
CA ASN D 178 -12.74 13.03 -3.45
C ASN D 178 -12.85 12.45 -2.05
N MET D 179 -14.06 12.29 -1.55
CA MET D 179 -14.23 11.72 -0.23
C MET D 179 -14.17 10.19 -0.37
N VAL D 180 -13.10 9.61 0.16
CA VAL D 180 -12.91 8.17 0.11
C VAL D 180 -13.21 7.53 1.47
N ASP D 181 -12.64 6.35 1.73
CA ASP D 181 -12.90 5.63 2.97
C ASP D 181 -11.61 5.01 3.47
N ALA D 182 -11.19 5.40 4.67
CA ALA D 182 -9.94 4.86 5.22
C ALA D 182 -10.02 3.36 5.49
N MET D 183 -11.23 2.83 5.67
CA MET D 183 -11.44 1.43 6.03
C MET D 183 -11.79 0.42 4.92
N THR D 184 -11.89 0.86 3.67
CA THR D 184 -12.28 -0.07 2.60
C THR D 184 -11.32 -1.23 2.33
N ASN D 185 -10.05 -1.08 2.71
CA ASN D 185 -9.08 -2.16 2.56
C ASN D 185 -9.31 -3.26 3.58
N GLN D 186 -10.18 -2.97 4.55
CA GLN D 186 -10.61 -3.91 5.58
C GLN D 186 -12.14 -3.91 5.45
N PRO D 187 -12.64 -4.52 4.37
CA PRO D 187 -14.05 -4.36 3.96
C PRO D 187 -15.10 -4.66 5.02
N LEU D 188 -16.15 -3.85 5.01
CA LEU D 188 -17.28 -4.04 5.91
C LEU D 188 -18.07 -5.19 5.30
N LEU D 189 -18.40 -6.17 6.13
CA LEU D 189 -19.13 -7.35 5.66
C LEU D 189 -20.51 -7.02 5.03
N GLY D 190 -20.65 -7.37 3.76
CA GLY D 190 -21.91 -7.19 3.04
C GLY D 190 -22.06 -5.92 2.23
N TYR D 191 -20.99 -5.13 2.11
CA TYR D 191 -21.03 -3.87 1.39
C TYR D 191 -20.16 -3.85 0.14
N THR D 192 -20.13 -4.97 -0.58
CA THR D 192 -19.29 -5.12 -1.78
C THR D 192 -19.34 -4.01 -2.84
N ILE D 193 -20.54 -3.62 -3.30
CA ILE D 193 -20.64 -2.55 -4.32
C ILE D 193 -20.10 -1.21 -3.83
N TYR D 194 -20.41 -0.87 -2.58
CA TYR D 194 -19.93 0.37 -1.98
C TYR D 194 -18.41 0.35 -1.94
N THR D 195 -17.85 -0.76 -1.43
CA THR D 195 -16.40 -0.95 -1.32
C THR D 195 -15.72 -0.87 -2.68
N MET D 196 -16.34 -1.49 -3.69
CA MET D 196 -15.84 -1.47 -5.07
C MET D 196 -15.85 -0.04 -5.63
N ALA D 197 -16.95 0.68 -5.39
CA ALA D 197 -17.09 2.06 -5.86
C ALA D 197 -16.05 2.99 -5.23
N LYS D 198 -15.76 2.81 -3.94
CA LYS D 198 -14.73 3.62 -3.28
C LYS D 198 -13.35 3.29 -3.87
N GLY D 199 -13.14 2.02 -4.21
CA GLY D 199 -11.91 1.58 -4.86
C GLY D 199 -11.77 2.28 -6.21
N ALA D 200 -12.87 2.35 -6.96
CA ALA D 200 -12.91 3.07 -8.23
C ALA D 200 -12.55 4.55 -8.04
N LEU D 201 -13.10 5.17 -6.99
CA LEU D 201 -12.85 6.57 -6.66
C LEU D 201 -11.36 6.85 -6.34
N GLU D 202 -10.68 5.88 -5.72
CA GLU D 202 -9.25 6.00 -5.45
C GLU D 202 -8.47 6.03 -6.77
N GLY D 203 -8.84 5.17 -7.71
CA GLY D 203 -8.21 5.13 -9.02
C GLY D 203 -8.46 6.42 -9.79
N LEU D 204 -9.65 7.00 -9.63
CA LEU D 204 -9.98 8.26 -10.29
C LEU D 204 -9.06 9.37 -9.76
N THR D 205 -8.84 9.36 -8.45
CA THR D 205 -7.98 10.33 -7.77
C THR D 205 -6.58 10.34 -8.39
N ARG D 206 -6.02 9.15 -8.55
CA ARG D 206 -4.68 9.00 -9.11
C ARG D 206 -4.60 9.29 -10.61
N SER D 207 -5.59 8.83 -11.37
CA SER D 207 -5.59 9.03 -12.82
C SER D 207 -5.84 10.50 -13.18
N ALA D 208 -6.82 11.13 -12.51
CA ALA D 208 -7.11 12.54 -12.73
C ALA D 208 -5.93 13.43 -12.29
N ALA D 209 -5.31 13.11 -11.16
CA ALA D 209 -4.17 13.89 -10.68
C ALA D 209 -3.06 13.94 -11.73
N LEU D 210 -2.79 12.80 -12.36
CA LEU D 210 -1.75 12.73 -13.38
C LEU D 210 -2.13 13.49 -14.66
N GLU D 211 -3.34 13.25 -15.16
CA GLU D 211 -3.79 13.85 -16.41
C GLU D 211 -4.07 15.34 -16.33
N LEU D 212 -4.50 15.81 -15.15
CA LEU D 212 -4.84 17.21 -14.97
C LEU D 212 -3.71 18.07 -14.41
N ALA D 213 -2.60 17.44 -14.05
CA ALA D 213 -1.42 18.16 -13.57
C ALA D 213 -0.94 19.29 -14.49
N PRO D 214 -0.94 19.10 -15.82
CA PRO D 214 -0.56 20.19 -16.74
C PRO D 214 -1.42 21.45 -16.61
N LEU D 215 -2.69 21.31 -16.23
CA LEU D 215 -3.57 22.45 -16.00
C LEU D 215 -3.49 22.91 -14.54
N GLN D 216 -2.53 22.35 -13.81
CA GLN D 216 -2.33 22.68 -12.40
C GLN D 216 -3.58 22.44 -11.54
N ILE D 217 -4.35 21.43 -11.93
CA ILE D 217 -5.51 21.03 -11.13
C ILE D 217 -5.06 19.87 -10.23
N ARG D 218 -5.11 20.09 -8.92
CA ARG D 218 -4.74 19.06 -7.97
C ARG D 218 -5.95 18.19 -7.66
N VAL D 219 -5.71 16.90 -7.49
CA VAL D 219 -6.76 15.93 -7.18
C VAL D 219 -6.30 15.06 -6.03
N ASN D 220 -6.96 15.20 -4.89
CA ASN D 220 -6.65 14.41 -3.70
C ASN D 220 -7.87 13.74 -3.08
N GLY D 221 -7.60 12.87 -2.11
CA GLY D 221 -8.66 12.17 -1.43
C GLY D 221 -8.55 12.36 0.07
N VAL D 222 -9.70 12.37 0.73
CA VAL D 222 -9.77 12.43 2.19
C VAL D 222 -10.63 11.24 2.59
N GLY D 223 -10.07 10.35 3.42
CA GLY D 223 -10.79 9.17 3.85
C GLY D 223 -11.08 9.09 5.34
N PRO D 224 -12.33 9.34 5.72
CA PRO D 224 -12.75 9.19 7.12
C PRO D 224 -12.78 7.72 7.50
N GLY D 225 -12.80 7.43 8.81
CA GLY D 225 -12.92 6.09 9.33
C GLY D 225 -14.34 6.01 9.86
N LEU D 226 -14.51 6.52 11.09
CA LEU D 226 -15.84 6.62 11.69
C LEU D 226 -16.06 8.08 12.04
N SER D 227 -17.03 8.70 11.37
CA SER D 227 -17.38 10.11 11.57
C SER D 227 -18.88 10.32 11.77
N VAL D 228 -19.21 11.14 12.77
CA VAL D 228 -20.58 11.52 13.16
C VAL D 228 -21.60 10.38 13.13
N LEU D 229 -21.30 9.32 13.85
CA LEU D 229 -22.18 8.15 13.92
C LEU D 229 -23.52 8.53 14.53
N VAL D 230 -24.60 8.19 13.81
CA VAL D 230 -25.96 8.44 14.26
C VAL D 230 -26.31 7.45 15.36
N ARG D 242 -17.06 2.15 17.85
CA ARG D 242 -16.82 3.42 18.54
C ARG D 242 -15.63 3.33 19.52
N SER D 243 -15.76 2.46 20.52
CA SER D 243 -14.69 2.25 21.48
C SER D 243 -13.50 1.50 20.86
N LYS D 244 -13.61 1.18 19.58
CA LYS D 244 -12.56 0.48 18.84
C LYS D 244 -11.53 1.42 18.20
N VAL D 245 -11.86 2.70 18.08
CA VAL D 245 -10.93 3.69 17.50
C VAL D 245 -9.81 3.94 18.51
N PRO D 246 -8.56 3.66 18.13
CA PRO D 246 -7.43 3.83 19.06
C PRO D 246 -7.33 5.23 19.64
N LEU D 247 -7.40 6.25 18.79
CA LEU D 247 -7.32 7.63 19.28
C LEU D 247 -8.68 8.14 19.75
N TYR D 248 -8.77 8.41 21.06
CA TYR D 248 -9.96 8.96 21.72
C TYR D 248 -11.11 7.97 21.96
N GLN D 249 -11.05 6.79 21.36
CA GLN D 249 -12.09 5.77 21.52
C GLN D 249 -13.47 6.34 21.15
N ARG D 250 -13.51 7.11 20.07
CA ARG D 250 -14.75 7.68 19.57
C ARG D 250 -14.66 8.00 18.09
N ASP D 251 -15.83 8.15 17.47
CA ASP D 251 -15.93 8.58 16.08
C ASP D 251 -15.56 10.07 16.06
N SER D 252 -15.24 10.57 14.88
CA SER D 252 -14.85 11.96 14.75
C SER D 252 -16.04 12.91 14.60
N SER D 253 -15.77 14.19 14.78
CA SER D 253 -16.77 15.24 14.55
C SER D 253 -16.67 15.56 13.07
N ALA D 254 -17.67 16.27 12.54
CA ALA D 254 -17.63 16.63 11.14
C ALA D 254 -16.45 17.57 10.84
N ALA D 255 -16.14 18.47 11.77
CA ALA D 255 -15.04 19.42 11.61
C ALA D 255 -13.68 18.73 11.54
N GLU D 256 -13.52 17.67 12.33
CA GLU D 256 -12.26 16.93 12.37
C GLU D 256 -11.91 16.35 11.00
N VAL D 257 -12.93 16.20 10.15
CA VAL D 257 -12.74 15.74 8.78
C VAL D 257 -12.67 16.95 7.83
N SER D 258 -13.69 17.81 7.87
CA SER D 258 -13.76 18.98 6.98
C SER D 258 -12.54 19.92 7.06
N ASP D 259 -11.97 20.11 8.24
CA ASP D 259 -10.76 20.93 8.36
C ASP D 259 -9.62 20.40 7.49
N VAL D 260 -9.58 19.07 7.30
CA VAL D 260 -8.52 18.45 6.50
C VAL D 260 -8.75 18.80 5.03
N VAL D 261 -10.02 18.73 4.61
CA VAL D 261 -10.44 19.05 3.25
C VAL D 261 -10.08 20.50 2.88
N ILE D 262 -10.38 21.41 3.80
CA ILE D 262 -10.11 22.83 3.63
C ILE D 262 -8.60 23.07 3.50
N PHE D 263 -7.82 22.41 4.35
CA PHE D 263 -6.36 22.56 4.27
C PHE D 263 -5.85 22.12 2.90
N LEU D 264 -6.33 20.99 2.40
CA LEU D 264 -5.91 20.47 1.09
C LEU D 264 -6.25 21.42 -0.06
N CYS D 265 -7.33 22.19 0.09
CA CYS D 265 -7.71 23.18 -0.93
C CYS D 265 -6.89 24.48 -0.82
N SER D 266 -6.23 24.69 0.32
CA SER D 266 -5.42 25.91 0.53
C SER D 266 -4.15 25.91 -0.31
N SER D 267 -3.65 27.11 -0.62
CA SER D 267 -2.44 27.26 -1.43
C SER D 267 -1.19 26.72 -0.72
N LYS D 268 -1.30 26.50 0.59
CA LYS D 268 -0.20 25.93 1.37
C LYS D 268 0.01 24.45 1.03
N ALA D 269 -1.04 23.83 0.47
CA ALA D 269 -1.02 22.42 0.07
C ALA D 269 -0.84 22.27 -1.45
N LYS D 270 -0.31 23.30 -2.10
CA LYS D 270 -0.17 23.30 -3.56
C LYS D 270 0.81 22.29 -4.21
N TYR D 271 1.63 21.61 -3.42
CA TYR D 271 2.51 20.59 -3.97
C TYR D 271 1.95 19.16 -3.78
N ILE D 272 0.82 19.04 -3.08
CA ILE D 272 0.16 17.75 -2.87
C ILE D 272 -0.84 17.45 -3.98
N THR D 273 -0.71 16.28 -4.59
CA THR D 273 -1.65 15.80 -5.60
C THR D 273 -1.58 14.27 -5.76
N GLY D 274 -2.72 13.65 -6.02
CA GLY D 274 -2.82 12.21 -6.21
C GLY D 274 -2.69 11.38 -4.95
N THR D 275 -2.88 12.01 -3.79
CA THR D 275 -2.74 11.32 -2.53
C THR D 275 -4.03 11.23 -1.72
N CYS D 276 -4.20 10.13 -0.99
CA CYS D 276 -5.36 9.93 -0.14
C CYS D 276 -4.95 10.02 1.31
N VAL D 277 -5.53 11.00 2.01
CA VAL D 277 -5.24 11.23 3.43
C VAL D 277 -6.31 10.63 4.34
N LYS D 278 -5.88 9.71 5.20
CA LYS D 278 -6.76 9.07 6.17
C LYS D 278 -7.00 10.00 7.37
N VAL D 279 -8.26 10.11 7.79
CA VAL D 279 -8.65 10.89 8.97
C VAL D 279 -9.48 9.90 9.79
N ASP D 280 -8.77 8.97 10.44
CA ASP D 280 -9.44 7.85 11.08
C ASP D 280 -9.06 7.51 12.51
N GLY D 281 -8.25 8.35 13.15
CA GLY D 281 -7.84 8.09 14.52
C GLY D 281 -7.16 6.74 14.75
N GLY D 282 -6.52 6.24 13.69
CA GLY D 282 -5.80 4.97 13.77
C GLY D 282 -6.64 3.72 13.61
N TYR D 283 -7.91 3.86 13.21
CA TYR D 283 -8.80 2.70 13.07
C TYR D 283 -8.29 1.66 12.06
N SER D 284 -7.72 2.10 10.94
CA SER D 284 -7.18 1.17 9.95
C SER D 284 -5.94 0.39 10.39
N LEU D 285 -5.37 0.77 11.54
CA LEU D 285 -4.21 0.07 12.11
C LEU D 285 -4.65 -1.13 12.96
N THR D 286 -5.95 -1.29 13.15
CA THR D 286 -6.47 -2.38 13.98
C THR D 286 -6.66 -3.69 13.22
N ARG D 287 -6.76 -4.78 13.99
CA ARG D 287 -7.01 -6.10 13.45
C ARG D 287 -8.06 -6.73 14.37
N ALA D 288 -8.77 -7.73 13.89
CA ALA D 288 -9.77 -8.42 14.70
C ALA D 288 -9.13 -9.19 15.87
PA NAP E . 10.60 -18.69 14.48
O1A NAP E . 10.19 -17.73 15.50
O2A NAP E . 10.19 -20.10 14.86
O5B NAP E . 12.18 -18.57 14.30
C5B NAP E . 12.87 -19.10 13.22
C4B NAP E . 14.35 -19.12 13.57
O4B NAP E . 14.96 -17.84 13.60
C3B NAP E . 14.64 -19.70 14.95
O3B NAP E . 14.52 -21.11 14.96
C2B NAP E . 16.05 -19.20 15.22
O2B NAP E . 17.05 -20.19 15.02
C1B NAP E . 16.23 -18.06 14.21
N9A NAP E . 16.77 -16.87 14.88
C8A NAP E . 16.17 -16.03 15.76
N7A NAP E . 17.05 -15.07 16.12
C5A NAP E . 18.22 -15.30 15.50
C6A NAP E . 19.46 -14.66 15.50
N6A NAP E . 19.77 -13.70 16.39
N1A NAP E . 20.48 -15.17 14.73
C2A NAP E . 20.30 -16.29 13.96
N3A NAP E . 19.08 -16.91 13.96
C4A NAP E . 18.06 -16.43 14.71
O3 NAP E . 10.01 -18.25 13.04
PN NAP E . 8.67 -18.87 12.36
O1N NAP E . 7.54 -18.64 13.28
O2N NAP E . 8.96 -20.24 11.83
O5D NAP E . 8.52 -17.90 11.08
C5D NAP E . 9.53 -17.84 10.10
C4D NAP E . 9.53 -16.48 9.41
O4D NAP E . 8.20 -16.09 9.10
C3D NAP E . 10.11 -15.40 10.30
O3D NAP E . 10.88 -14.53 9.50
C2D NAP E . 8.88 -14.66 10.81
O2D NAP E . 9.12 -13.31 11.11
C1D NAP E . 7.90 -14.82 9.67
N1N NAP E . 6.54 -14.77 10.22
C2N NAP E . 6.03 -15.82 10.96
C3N NAP E . 4.76 -15.75 11.50
C7N NAP E . 4.12 -16.93 12.21
O7N NAP E . 2.79 -16.80 12.60
N7N NAP E . 4.80 -18.05 12.43
C4N NAP E . 4.00 -14.61 11.26
C5N NAP E . 4.50 -13.56 10.51
C6N NAP E . 5.78 -13.65 9.99
P2B NAP E . 17.58 -21.16 16.20
O1X NAP E . 18.61 -22.05 15.62
O2X NAP E . 18.24 -20.35 17.32
O3X NAP E . 16.41 -21.97 16.76
N1 HBI F . 8.16 -13.95 13.91
N2 HBI F . 10.38 -14.99 14.26
C2 HBI F . 8.96 -14.97 14.43
N3 HBI F . 8.37 -15.99 15.14
C4 HBI F . 7.00 -16.05 15.35
O4 HBI F . 6.53 -17.14 16.09
C4A HBI F . 6.12 -15.02 14.83
C8A HBI F . 6.76 -13.94 14.08
N8 HBI F . 5.94 -12.88 13.53
C7 HBI F . 4.43 -12.89 13.74
C6 HBI F . 3.90 -14.10 14.55
N5 HBI F . 4.75 -15.03 15.02
C9 HBI F . 2.36 -14.22 14.84
O9 HBI F . 1.89 -15.60 14.76
C10 HBI F . 2.03 -13.47 16.25
O10 HBI F . 0.66 -12.98 16.30
C11 HBI F . 2.26 -14.32 17.55
C1 EDO G . 7.57 -0.24 4.05
O1 EDO G . 7.10 -1.32 3.26
C2 EDO G . 6.56 0.06 5.13
O2 EDO G . 6.93 -0.67 6.27
PA NAP H . 19.16 16.83 4.40
O1A NAP H . 19.82 15.85 3.51
O2A NAP H . 19.47 18.24 3.97
O5B NAP H . 19.67 16.52 5.89
C5B NAP H . 19.01 17.04 7.01
C4B NAP H . 19.93 16.99 8.21
O4B NAP H . 20.09 15.69 8.73
C3B NAP H . 21.35 17.47 7.90
O3B NAP H . 21.43 18.87 7.88
C2B NAP H . 22.17 16.82 9.02
O2B NAP H . 22.48 17.74 10.05
C1B NAP H . 21.24 15.75 9.57
N9A NAP H . 21.96 14.47 9.70
C8A NAP H . 22.45 13.64 8.72
N7A NAP H . 23.07 12.59 9.31
C5A NAP H . 22.99 12.75 10.66
C6A NAP H . 23.45 11.99 11.74
N6A NAP H . 24.28 10.95 11.58
N1A NAP H . 23.22 12.47 13.02
C2A NAP H . 22.54 13.64 13.25
N3A NAP H . 22.08 14.37 12.18
C4A NAP H . 22.31 13.93 10.91
O3 NAP H . 17.58 16.55 4.45
PN NAP H . 16.46 17.31 3.57
O1N NAP H . 16.80 17.13 2.14
O2N NAP H . 16.22 18.67 4.13
O5D NAP H . 15.15 16.44 3.91
C5D NAP H . 14.68 16.34 5.23
C4D NAP H . 13.94 15.03 5.43
O4D NAP H . 13.08 14.77 4.32
C3D NAP H . 14.88 13.84 5.55
O3D NAP H . 14.41 12.95 6.54
C2D NAP H . 14.81 13.21 4.18
O2D NAP H . 15.07 11.83 4.22
C1D NAP H . 13.38 13.52 3.76
N1N NAP H . 13.30 13.55 2.30
C2N NAP H . 13.85 14.60 1.61
C3N NAP H . 13.77 14.62 0.23
C7N NAP H . 14.26 15.79 -0.56
O7N NAP H . 14.02 15.81 -1.94
N7N NAP H . 14.90 16.78 0.03
C4N NAP H . 13.14 13.55 -0.42
C5N NAP H . 12.60 12.50 0.30
C6N NAP H . 12.68 12.50 1.68
P2B NAP H . 23.86 18.58 10.10
O1X NAP H . 23.81 19.41 11.32
O2X NAP H . 25.09 17.66 10.18
O3X NAP H . 23.96 19.44 8.84
N1 HBI I . 17.04 12.22 2.04
N2 HBI I . 18.35 12.93 4.02
C2 HBI I . 17.97 13.09 2.64
N3 HBI I . 18.55 14.10 1.91
C4 HBI I . 18.23 14.31 0.57
O4 HBI I . 18.87 15.34 -0.10
C4A HBI I . 17.27 13.44 -0.11
C8A HBI I . 16.68 12.38 0.68
N8 HBI I . 15.72 11.51 0.06
C7 HBI I . 15.33 11.67 -1.40
C6 HBI I . 16.04 12.84 -2.11
N5 HBI I . 16.92 13.61 -1.44
C9 HBI I . 15.71 13.09 -3.61
O9 HBI I . 15.64 14.53 -3.90
C10 HBI I . 16.70 12.23 -4.57
O10 HBI I . 16.00 11.76 -5.75
C11 HBI I . 18.01 12.94 -5.06
C1 EDO J . 21.58 -0.46 13.44
O1 EDO J . 22.88 -0.12 13.89
C2 EDO J . 20.94 -1.42 14.41
O2 EDO J . 21.78 -2.53 14.68
PA NAP K . -7.07 -8.83 -23.95
O1A NAP K . -6.98 -7.39 -24.18
O2A NAP K . -6.31 -9.63 -25.03
O5B NAP K . -8.63 -9.20 -23.87
C5B NAP K . -9.05 -10.45 -23.37
C4B NAP K . -10.46 -10.74 -23.86
O4B NAP K . -11.43 -9.96 -23.19
C3B NAP K . -10.68 -10.44 -25.33
O3B NAP K . -10.24 -11.51 -26.12
C2B NAP K . -12.19 -10.25 -25.42
O2B NAP K . -12.85 -11.41 -25.88
C1B NAP K . -12.61 -10.03 -23.97
N9A NAP K . -13.49 -8.85 -23.89
C8A NAP K . -13.19 -7.53 -24.07
N7A NAP K . -14.32 -6.80 -23.89
C5A NAP K . -15.35 -7.64 -23.62
C6A NAP K . -16.71 -7.47 -23.36
N6A NAP K . -17.32 -6.30 -23.61
N1A NAP K . -17.50 -8.58 -23.11
C2A NAP K . -16.95 -9.84 -23.09
N3A NAP K . -15.62 -10.00 -23.34
C4A NAP K . -14.83 -8.94 -23.61
O3 NAP K . -6.50 -9.21 -22.48
PN NAP K . -5.00 -9.71 -22.17
O1N NAP K . -4.00 -8.76 -22.71
O2N NAP K . -4.85 -11.14 -22.54
O5D NAP K . -5.01 -9.65 -20.56
C5D NAP K . -5.90 -10.46 -19.82
C4D NAP K . -6.21 -9.81 -18.48
O4D NAP K . -5.03 -9.34 -17.86
C3D NAP K . -7.13 -8.62 -18.62
O3D NAP K . -8.02 -8.64 -17.52
C2D NAP K . -6.19 -7.43 -18.52
O2D NAP K . -6.81 -6.30 -17.96
C1D NAP K . -5.10 -7.95 -17.60
N1N NAP K . -3.84 -7.24 -17.89
C2N NAP K . -3.11 -7.53 -19.02
C3N NAP K . -1.93 -6.86 -19.29
C7N NAP K . -1.10 -7.18 -20.51
O7N NAP K . 0.14 -6.54 -20.70
N7N NAP K . -1.51 -8.04 -21.43
C4N NAP K . -1.52 -5.87 -18.39
C5N NAP K . -2.25 -5.56 -17.24
C6N NAP K . -3.43 -6.28 -17.01
P2B NAP K . -13.20 -11.60 -27.44
O1X NAP K . -13.91 -12.90 -27.58
O2X NAP K . -14.11 -10.47 -27.96
O3X NAP K . -11.89 -11.65 -28.24
N1 HBI L . -5.72 -4.74 -20.47
N2 HBI L . -7.73 -5.84 -21.41
C2 HBI L . -6.39 -5.40 -21.52
N3 HBI L . -5.73 -5.60 -22.71
C4 HBI L . -4.41 -5.21 -22.92
O4 HBI L . -3.83 -5.45 -24.16
C4A HBI L . -3.69 -4.54 -21.86
C8A HBI L . -4.39 -4.31 -20.60
N8 HBI L . -3.68 -3.64 -19.53
C7 HBI L . -2.23 -3.18 -19.72
C6 HBI L . -1.63 -3.49 -21.12
N5 HBI L . -2.38 -4.12 -22.04
C9 HBI L . -0.16 -3.10 -21.48
O9 HBI L . 0.42 -4.09 -22.40
C10 HBI L . -0.02 -1.59 -22.04
O10 HBI L . 0.22 -0.70 -20.92
C11 HBI L . 1.17 -1.35 -23.04
C1 EDO M . -16.11 -32.53 -27.81
O1 EDO M . -16.95 -32.09 -26.79
C2 EDO M . -15.18 -33.62 -27.32
O2 EDO M . -15.90 -34.80 -27.09
C1 EDO N . -22.62 1.81 -13.70
O1 EDO N . -23.75 1.23 -13.09
C2 EDO N . -21.83 0.79 -14.48
O2 EDO N . -22.23 0.81 -15.83
PA NAP O . -23.88 10.63 4.08
O1A NAP O . -24.20 9.21 4.19
O2A NAP O . -24.50 11.41 5.27
O5B NAP O . -24.48 11.11 2.68
C5B NAP O . -24.09 12.36 2.15
C4B NAP O . -25.06 12.82 1.07
O4B NAP O . -24.92 12.07 -0.11
C3B NAP O . -26.52 12.60 1.47
O3B NAP O . -26.95 13.65 2.30
C2B NAP O . -27.23 12.54 0.13
O2B NAP O . -27.86 13.75 -0.23
C1B NAP O . -26.10 12.27 -0.87
N9A NAP O . -26.48 11.16 -1.77
C8A NAP O . -26.64 9.83 -1.48
N7A NAP O . -27.01 9.19 -2.62
C5A NAP O . -27.12 10.09 -3.62
C6A NAP O . -27.44 10.00 -4.96
N6A NAP O . -28.04 8.93 -5.47
N1A NAP O . -27.46 11.15 -5.74
C2A NAP O . -27.13 12.37 -5.18
N3A NAP O . -26.79 12.45 -3.85
C4A NAP O . -26.78 11.34 -3.08
O3 NAP O . -22.30 10.92 3.99
PN NAP O . -21.36 11.30 5.25
O1N NAP O . -21.45 10.27 6.31
O2N NAP O . -21.50 12.73 5.62
O5D NAP O . -19.89 11.13 4.57
C5D NAP O . -19.51 11.95 3.49
C4D NAP O . -18.48 11.23 2.62
O4D NAP O . -17.49 10.61 3.44
C3D NAP O . -19.11 10.13 1.79
O3D NAP O . -18.54 10.14 0.49
C2D NAP O . -18.72 8.87 2.51
O2D NAP O . -18.59 7.77 1.65
C1D NAP O . -17.39 9.23 3.14
N1N NAP O . -17.19 8.44 4.36
C2N NAP O . -17.91 8.72 5.50
C3N NAP O . -17.72 7.97 6.67
C7N NAP O . -18.45 8.32 7.94
O7N NAP O . -18.17 7.62 9.12
N7N NAP O . -19.38 9.28 7.95
C4N NAP O . -16.78 6.94 6.63
C5N NAP O . -16.05 6.65 5.48
C6N NAP O . -16.26 7.42 4.34
P2B NAP O . -29.40 14.11 0.13
O1X NAP O . -29.62 15.51 -0.31
O2X NAP O . -30.37 13.16 -0.58
O3X NAP O . -29.58 14.05 1.66
N1 HBI P . -20.47 6.24 3.54
N2 HBI P . -22.03 7.58 2.15
C2 HBI P . -21.63 7.01 3.40
N3 HBI P . -22.41 7.23 4.52
C4 HBI P . -22.10 6.72 5.77
O4 HBI P . -22.98 7.01 6.82
C4A HBI P . -20.90 5.92 5.96
C8A HBI P . -20.09 5.69 4.78
N8 HBI P . -18.88 4.90 4.92
C7 HBI P . -18.48 4.30 6.26
C6 HBI P . -19.45 4.64 7.41
N5 HBI P . -20.54 5.38 7.19
C9 HBI P . -19.14 4.07 8.83
O9 HBI P . -19.51 5.02 9.88
C10 HBI P . -19.79 2.60 9.03
O10 HBI P . -18.93 1.75 9.84
C11 HBI P . -21.22 2.56 9.68
C1 EDO Q . -3.49 27.68 -13.05
O1 EDO Q . -3.83 27.52 -11.68
C2 EDO Q . -4.74 27.53 -13.87
O2 EDO Q . -4.63 26.44 -14.76
#